data_6USS
#
_entry.id   6USS
#
_cell.length_a   122.633
_cell.length_b   180.378
_cell.length_c   123.692
_cell.angle_alpha   90.000
_cell.angle_beta   90.000
_cell.angle_gamma   90.000
#
_symmetry.space_group_name_H-M   'C 2 2 21'
#
loop_
_entity.id
_entity.type
_entity.pdbx_description
1 polymer Sulfatase
2 non-polymer 'CALCIUM ION'
3 water water
#
_entity_poly.entity_id   1
_entity_poly.type   'polypeptide(L)'
_entity_poly.pdbx_seq_one_letter_code
;MNKKLIIPFALAPLAAPALQAQSQQSDGRMDTRPNIILFMVDDMGWQDTSLPFWTQKTHYNEVYETPNMERLAKQGVMFT
QAYASSICSPTRCSLITGTNAARHRVTNWTYPKGQQTDRPSDVFNVADWNVNGVCQVPNIDHTFQATSLAEILKDNGYHT
IHCGKAHFGAVNTPGESPYHMGFEVNIAGHAGGGLASYLGENNYGNRTDGKPNPWFAVPGLDKYWGTDTFVSEALTLEAI
KALNHAKEYNQPFFLYMAHYAIHVPIDKDKRFYQKYIDKGLTPKEAAYAALIEGMDKSLGDLMDWLDKNGEADNTIVIFM
SDNGGLSSEPGWRDGKLHTQNSPLNSGKGSAYEGGVREPMIVRWPGVVKPDTKCDKYLIIEDFYPSILEMAQVKHYKTVQ
PIDGISFIPLLKQTGDPSKGRSLYWNFPNHWGNDGPGIGPTCTVRKGDWKLIYYYENGKKELFNIPQDIGEKNNLAAQHP
DIVKHLSKDLGNYLRKVGGQRPSFKATGKPCPWPDEI
;
_entity_poly.pdbx_strand_id   A,B
#
# COMPACT_ATOMS: atom_id res chain seq x y z
N ARG A 33 -11.43 5.54 -19.92
CA ARG A 33 -10.92 4.37 -19.19
C ARG A 33 -11.87 3.96 -18.07
N PRO A 34 -12.41 2.75 -18.15
CA PRO A 34 -13.48 2.36 -17.23
C PRO A 34 -12.95 1.99 -15.86
N ASN A 35 -13.82 2.13 -14.86
CA ASN A 35 -13.61 1.41 -13.62
C ASN A 35 -13.93 -0.06 -13.83
N ILE A 36 -13.30 -0.89 -13.01
CA ILE A 36 -13.45 -2.33 -13.06
C ILE A 36 -13.74 -2.83 -11.64
N ILE A 37 -14.83 -3.57 -11.50
CA ILE A 37 -15.10 -4.32 -10.28
C ILE A 37 -15.02 -5.81 -10.61
N LEU A 38 -14.10 -6.51 -9.92
CA LEU A 38 -14.02 -7.97 -9.92
C LEU A 38 -14.67 -8.45 -8.64
N PHE A 39 -15.87 -9.04 -8.76
CA PHE A 39 -16.65 -9.52 -7.61
C PHE A 39 -16.43 -11.03 -7.58
N MET A 40 -15.68 -11.49 -6.58
CA MET A 40 -15.22 -12.87 -6.46
C MET A 40 -15.87 -13.50 -5.23
N VAL A 41 -16.64 -14.57 -5.45
CA VAL A 41 -17.23 -15.33 -4.36
C VAL A 41 -16.36 -16.55 -4.08
N ASP A 42 -16.33 -16.96 -2.82
CA ASP A 42 -15.51 -18.10 -2.40
C ASP A 42 -16.32 -19.39 -2.37
N ASP A 43 -15.78 -20.46 -2.96
CA ASP A 43 -16.37 -21.80 -2.88
C ASP A 43 -17.81 -21.83 -3.39
N MET A 44 -18.17 -20.96 -4.33
CA MET A 44 -19.50 -20.93 -4.90
C MET A 44 -19.58 -21.87 -6.11
N GLY A 45 -20.59 -22.77 -6.13
CA GLY A 45 -20.71 -23.72 -7.22
C GLY A 45 -21.43 -23.17 -8.46
N TRP A 46 -21.26 -23.90 -9.57
CA TRP A 46 -21.94 -23.57 -10.82
C TRP A 46 -23.45 -23.43 -10.69
N GLN A 47 -24.04 -24.01 -9.64
CA GLN A 47 -25.50 -24.00 -9.50
C GLN A 47 -25.94 -23.38 -8.19
N ASP A 48 -25.07 -22.66 -7.49
CA ASP A 48 -25.39 -22.02 -6.22
C ASP A 48 -25.98 -20.62 -6.43
N THR A 49 -27.01 -20.56 -7.28
CA THR A 49 -27.58 -19.30 -7.75
C THR A 49 -28.96 -19.61 -8.32
N SER A 50 -29.82 -18.60 -8.33
CA SER A 50 -31.07 -18.75 -9.08
C SER A 50 -30.88 -18.55 -10.58
N LEU A 51 -29.72 -18.03 -11.02
CA LEU A 51 -29.49 -17.85 -12.46
C LEU A 51 -29.03 -19.16 -13.10
N PRO A 52 -29.78 -19.72 -14.08
CA PRO A 52 -29.42 -21.03 -14.64
C PRO A 52 -28.28 -20.90 -15.65
N PHE A 53 -27.11 -21.49 -15.31
CA PHE A 53 -25.96 -21.55 -16.21
C PHE A 53 -25.98 -22.77 -17.15
N TRP A 54 -26.74 -23.80 -16.80
CA TRP A 54 -27.01 -24.96 -17.65
C TRP A 54 -28.04 -24.58 -18.72
N THR A 55 -28.27 -25.49 -19.68
CA THR A 55 -29.31 -25.27 -20.67
C THR A 55 -30.72 -25.57 -20.15
N GLN A 56 -30.85 -26.12 -18.93
CA GLN A 56 -32.15 -26.23 -18.29
C GLN A 56 -32.04 -25.86 -16.82
N LYS A 57 -33.07 -25.17 -16.32
CA LYS A 57 -33.15 -24.78 -14.92
C LYS A 57 -33.10 -26.02 -14.01
N THR A 58 -32.35 -25.94 -12.91
CA THR A 58 -32.26 -27.05 -11.97
C THR A 58 -33.13 -26.79 -10.76
N HIS A 59 -33.21 -27.81 -9.90
CA HIS A 59 -33.92 -27.62 -8.63
C HIS A 59 -33.20 -26.60 -7.75
N TYR A 60 -31.86 -26.61 -7.76
CA TYR A 60 -31.13 -25.56 -7.03
C TYR A 60 -31.52 -24.19 -7.53
N ASN A 61 -31.61 -24.01 -8.86
CA ASN A 61 -32.04 -22.72 -9.39
C ASN A 61 -33.38 -22.33 -8.83
N GLU A 62 -34.29 -23.29 -8.71
CA GLU A 62 -35.60 -22.98 -8.16
C GLU A 62 -35.51 -22.53 -6.70
N VAL A 63 -34.60 -23.11 -5.91
CA VAL A 63 -34.63 -22.80 -4.48
C VAL A 63 -33.78 -21.59 -4.09
N TYR A 64 -32.65 -21.34 -4.74
CA TYR A 64 -31.82 -20.21 -4.35
C TYR A 64 -32.39 -18.90 -4.88
N GLU A 65 -31.94 -17.80 -4.30
CA GLU A 65 -32.41 -16.47 -4.71
C GLU A 65 -31.20 -15.54 -4.91
N THR A 66 -30.81 -15.38 -6.17
CA THR A 66 -29.79 -14.41 -6.55
C THR A 66 -30.39 -13.46 -7.58
N PRO A 67 -31.36 -12.63 -7.17
CA PRO A 67 -32.01 -11.74 -8.14
C PRO A 67 -31.06 -10.72 -8.74
N ASN A 68 -30.01 -10.31 -7.99
CA ASN A 68 -29.11 -9.30 -8.51
C ASN A 68 -28.14 -9.88 -9.54
N MET A 69 -27.74 -11.16 -9.38
CA MET A 69 -27.03 -11.87 -10.44
C MET A 69 -27.87 -11.94 -11.72
N GLU A 70 -29.18 -12.20 -11.60
CA GLU A 70 -30.03 -12.24 -12.78
C GLU A 70 -30.10 -10.88 -13.46
N ARG A 71 -30.30 -9.83 -12.66
CA ARG A 71 -30.22 -8.45 -13.11
C ARG A 71 -28.91 -8.18 -13.88
N LEU A 72 -27.77 -8.52 -13.26
CA LEU A 72 -26.48 -8.29 -13.91
C LEU A 72 -26.37 -9.06 -15.23
N ALA A 73 -26.88 -10.29 -15.27
CA ALA A 73 -26.78 -11.09 -16.49
C ALA A 73 -27.66 -10.52 -17.59
N LYS A 74 -28.88 -10.06 -17.25
CA LYS A 74 -29.75 -9.42 -18.25
C LYS A 74 -29.10 -8.20 -18.88
N GLN A 75 -28.13 -7.57 -18.21
CA GLN A 75 -27.39 -6.45 -18.76
C GLN A 75 -26.02 -6.83 -19.33
N GLY A 76 -25.62 -8.10 -19.21
CA GLY A 76 -24.32 -8.51 -19.71
C GLY A 76 -24.27 -9.87 -20.35
N VAL A 77 -23.11 -10.53 -20.28
CA VAL A 77 -22.91 -11.85 -20.87
C VAL A 77 -22.62 -12.82 -19.73
N MET A 78 -23.17 -14.04 -19.84
CA MET A 78 -22.84 -15.15 -18.95
C MET A 78 -21.84 -16.06 -19.64
N PHE A 79 -20.85 -16.54 -18.89
CA PHE A 79 -19.93 -17.54 -19.41
C PHE A 79 -20.33 -18.89 -18.81
N THR A 80 -20.89 -19.76 -19.64
CA THR A 80 -21.39 -21.04 -19.15
C THR A 80 -20.32 -22.12 -19.07
N GLN A 81 -19.09 -21.83 -19.50
CA GLN A 81 -17.99 -22.79 -19.44
C GLN A 81 -16.70 -22.10 -18.97
N ALA A 82 -16.77 -21.44 -17.81
CA ALA A 82 -15.62 -20.77 -17.21
C ALA A 82 -14.99 -21.64 -16.13
N TYR A 83 -13.65 -21.78 -16.16
CA TYR A 83 -12.92 -22.66 -15.26
C TYR A 83 -11.95 -21.92 -14.33
N ALA A 84 -11.87 -22.43 -13.10
CA ALA A 84 -10.85 -22.10 -12.11
C ALA A 84 -10.11 -23.40 -11.75
N SER A 85 -9.26 -23.35 -10.72
CA SER A 85 -8.80 -24.59 -10.11
C SER A 85 -9.79 -25.01 -9.01
N SER A 86 -9.57 -26.20 -8.46
CA SER A 86 -10.55 -26.76 -7.54
C SER A 86 -10.36 -26.31 -6.10
N ILE A 87 -9.36 -25.45 -5.84
CA ILE A 87 -8.98 -25.05 -4.49
C ILE A 87 -8.60 -23.58 -4.53
N CYS A 88 -8.89 -22.86 -3.43
CA CYS A 88 -8.75 -21.40 -3.39
C CYS A 88 -7.37 -20.92 -3.83
N SER A 89 -6.31 -21.54 -3.32
CA SER A 89 -4.98 -20.95 -3.49
C SER A 89 -4.51 -20.98 -4.94
N PRO A 90 -4.53 -22.12 -5.66
CA PRO A 90 -4.11 -22.07 -7.07
C PRO A 90 -4.94 -21.11 -7.90
N THR A 91 -6.24 -21.03 -7.65
CA THR A 91 -7.07 -20.14 -8.45
C THR A 91 -6.71 -18.67 -8.20
N ARG A 92 -6.61 -18.27 -6.94
CA ARG A 92 -6.39 -16.86 -6.65
C ARG A 92 -5.00 -16.41 -7.09
N CYS A 93 -3.97 -17.26 -6.89
CA CYS A 93 -2.62 -16.93 -7.34
C CYS A 93 -2.52 -16.86 -8.86
N SER A 94 -3.26 -17.72 -9.58
CA SER A 94 -3.30 -17.62 -11.03
C SER A 94 -3.94 -16.31 -11.48
N LEU A 95 -5.01 -15.88 -10.80
CA LEU A 95 -5.65 -14.62 -11.12
C LEU A 95 -4.69 -13.46 -10.98
N ILE A 96 -3.98 -13.40 -9.84
CA ILE A 96 -3.13 -12.27 -9.51
C ILE A 96 -1.80 -12.29 -10.28
N THR A 97 -1.38 -13.45 -10.81
CA THR A 97 -0.12 -13.56 -11.51
C THR A 97 -0.26 -13.89 -12.98
N GLY A 98 -1.46 -14.22 -13.47
CA GLY A 98 -1.61 -14.56 -14.88
C GLY A 98 -0.93 -15.84 -15.28
N THR A 99 -0.61 -16.69 -14.30
CA THR A 99 0.16 -17.91 -14.47
C THR A 99 -0.76 -19.09 -14.25
N ASN A 100 -0.61 -20.13 -15.06
CA ASN A 100 -1.29 -21.40 -14.81
C ASN A 100 -0.76 -22.03 -13.52
N ALA A 101 -1.65 -22.72 -12.78
CA ALA A 101 -1.28 -23.22 -11.45
C ALA A 101 -0.08 -24.16 -11.51
N ALA A 102 0.04 -24.95 -12.58
CA ALA A 102 1.15 -25.89 -12.67
C ALA A 102 2.48 -25.16 -12.60
N ARG A 103 2.54 -23.96 -13.19
CA ARG A 103 3.78 -23.20 -13.20
C ARG A 103 4.04 -22.51 -11.86
N HIS A 104 3.03 -21.92 -11.21
CA HIS A 104 3.39 -21.20 -10.00
C HIS A 104 3.47 -22.09 -8.77
N ARG A 105 2.99 -23.33 -8.84
CA ARG A 105 3.18 -24.36 -7.82
C ARG A 105 2.53 -24.04 -6.49
N VAL A 106 1.66 -23.02 -6.42
CA VAL A 106 0.81 -22.86 -5.25
C VAL A 106 -0.44 -23.68 -5.51
N THR A 107 -0.33 -25.01 -5.42
CA THR A 107 -1.32 -25.94 -5.96
C THR A 107 -2.26 -26.50 -4.91
N ASN A 108 -2.02 -26.24 -3.63
CA ASN A 108 -2.98 -26.54 -2.58
C ASN A 108 -3.11 -25.30 -1.71
N TRP A 109 -3.99 -25.33 -0.71
CA TRP A 109 -4.28 -24.10 0.01
C TRP A 109 -3.19 -23.74 1.03
N THR A 110 -2.92 -22.45 1.15
CA THR A 110 -1.81 -21.95 1.96
C THR A 110 -2.32 -21.23 3.21
N TYR A 111 -1.49 -21.31 4.29
CA TYR A 111 -1.49 -20.37 5.39
C TYR A 111 -0.19 -20.48 6.22
N PRO A 112 0.11 -21.62 6.85
CA PRO A 112 1.28 -21.67 7.74
C PRO A 112 2.59 -21.48 6.98
N LYS A 113 3.45 -20.59 7.50
CA LYS A 113 4.71 -20.30 6.83
C LYS A 113 5.62 -21.53 6.82
N GLY A 114 6.08 -21.90 5.62
CA GLY A 114 6.98 -23.01 5.43
C GLY A 114 6.41 -24.40 5.65
N GLN A 115 5.11 -24.57 5.81
CA GLN A 115 4.55 -25.88 6.10
C GLN A 115 3.49 -26.26 5.09
N GLN A 116 3.46 -27.54 4.72
CA GLN A 116 2.44 -28.10 3.85
C GLN A 116 1.16 -28.36 4.65
N THR A 117 0.02 -27.84 4.17
CA THR A 117 -1.28 -28.18 4.72
C THR A 117 -1.81 -29.53 4.25
N ASP A 118 -1.16 -30.15 3.25
CA ASP A 118 -1.58 -31.43 2.71
C ASP A 118 -1.83 -32.47 3.78
N ARG A 119 -2.91 -33.24 3.60
CA ARG A 119 -3.17 -34.40 4.44
C ARG A 119 -2.04 -35.42 4.29
N PRO A 120 -1.62 -36.09 5.37
CA PRO A 120 -0.60 -37.13 5.26
C PRO A 120 -1.08 -38.32 4.43
N SER A 121 -0.13 -38.94 3.73
CA SER A 121 -0.38 -40.12 2.91
C SER A 121 0.67 -41.17 3.24
N ASP A 122 0.22 -42.40 3.47
CA ASP A 122 1.16 -43.51 3.57
C ASP A 122 1.42 -44.16 2.21
N VAL A 123 0.98 -43.54 1.11
CA VAL A 123 1.25 -43.99 -0.26
C VAL A 123 2.30 -43.13 -0.94
N PHE A 124 2.18 -41.80 -0.85
CA PHE A 124 3.00 -40.89 -1.65
C PHE A 124 3.42 -39.68 -0.82
N ASN A 125 4.45 -39.00 -1.32
CA ASN A 125 4.82 -37.66 -0.89
C ASN A 125 4.32 -36.66 -1.92
N VAL A 126 3.75 -35.56 -1.44
CA VAL A 126 3.25 -34.53 -2.35
C VAL A 126 4.44 -33.81 -2.99
N ALA A 127 4.17 -33.01 -4.03
CA ALA A 127 5.22 -32.19 -4.62
C ALA A 127 5.80 -31.24 -3.58
N ASP A 128 7.04 -30.83 -3.81
CA ASP A 128 7.64 -29.79 -2.95
C ASP A 128 7.14 -28.45 -3.47
N TRP A 129 5.89 -28.18 -3.16
CA TRP A 129 5.16 -27.06 -3.75
C TRP A 129 5.34 -25.77 -2.94
N ASN A 130 4.80 -24.67 -3.47
CA ASN A 130 5.09 -23.33 -2.95
C ASN A 130 4.12 -22.95 -1.83
N VAL A 131 4.31 -23.59 -0.68
CA VAL A 131 3.43 -23.47 0.48
C VAL A 131 3.29 -22.01 0.91
N ASN A 132 4.22 -21.15 0.48
CA ASN A 132 4.21 -19.78 0.94
C ASN A 132 3.52 -18.82 -0.02
N GLY A 133 3.11 -19.30 -1.21
CA GLY A 133 2.22 -18.51 -2.03
C GLY A 133 2.93 -17.70 -3.09
N VAL A 134 2.47 -16.49 -3.35
CA VAL A 134 3.14 -15.63 -4.31
C VAL A 134 3.51 -14.32 -3.64
N CYS A 135 4.50 -13.64 -4.21
CA CYS A 135 4.87 -12.29 -3.82
C CYS A 135 5.55 -11.64 -5.01
N GLN A 136 5.92 -10.36 -4.86
CA GLN A 136 6.54 -9.62 -5.95
C GLN A 136 8.03 -9.43 -5.76
N VAL A 137 8.61 -10.02 -4.72
CA VAL A 137 10.04 -9.87 -4.43
C VAL A 137 10.72 -11.22 -4.62
N PRO A 138 12.02 -11.25 -4.84
CA PRO A 138 12.70 -12.54 -5.01
C PRO A 138 13.25 -13.08 -3.70
N ASN A 139 13.82 -14.30 -3.73
CA ASN A 139 14.52 -14.90 -2.60
C ASN A 139 13.61 -15.11 -1.39
N ILE A 140 12.32 -15.31 -1.62
CA ILE A 140 11.39 -15.66 -0.55
C ILE A 140 11.10 -17.15 -0.64
N ASP A 141 11.49 -17.87 0.42
CA ASP A 141 11.71 -19.32 0.47
C ASP A 141 10.85 -20.14 -0.48
N HIS A 142 9.57 -20.30 -0.20
CA HIS A 142 8.80 -21.23 -1.04
C HIS A 142 7.68 -20.46 -1.74
N THR A 143 8.08 -19.47 -2.55
CA THR A 143 7.13 -18.61 -3.23
C THR A 143 7.40 -18.62 -4.74
N PHE A 144 6.36 -18.29 -5.51
CA PHE A 144 6.50 -17.94 -6.91
C PHE A 144 6.54 -16.42 -7.00
N GLN A 145 7.66 -15.88 -7.49
CA GLN A 145 7.81 -14.44 -7.69
C GLN A 145 7.06 -14.03 -8.95
N ALA A 146 6.28 -12.96 -8.86
CA ALA A 146 5.50 -12.56 -10.02
C ALA A 146 5.13 -11.09 -9.91
N THR A 147 4.97 -10.47 -11.08
CA THR A 147 4.48 -9.10 -11.18
C THR A 147 2.97 -9.10 -11.03
N SER A 148 2.47 -8.42 -10.00
CA SER A 148 1.07 -8.49 -9.60
C SER A 148 0.17 -7.73 -10.55
N LEU A 149 -1.02 -8.29 -10.77
CA LEU A 149 -2.02 -7.61 -11.59
C LEU A 149 -2.36 -6.23 -11.03
N ALA A 150 -2.47 -6.11 -9.70
CA ALA A 150 -2.84 -4.82 -9.10
C ALA A 150 -1.70 -3.81 -9.20
N GLU A 151 -0.45 -4.28 -9.17
CA GLU A 151 0.69 -3.38 -9.37
C GLU A 151 0.65 -2.73 -10.74
N ILE A 152 0.29 -3.50 -11.77
CA ILE A 152 0.30 -2.96 -13.14
C ILE A 152 -0.83 -1.96 -13.32
N LEU A 153 -2.02 -2.28 -12.79
CA LEU A 153 -3.11 -1.31 -12.75
C LEU A 153 -2.71 -0.07 -11.98
N LYS A 154 -2.16 -0.25 -10.77
CA LYS A 154 -1.73 0.88 -9.95
C LYS A 154 -0.71 1.74 -10.70
N ASP A 155 0.33 1.11 -11.25
CA ASP A 155 1.38 1.85 -11.94
C ASP A 155 0.89 2.52 -13.22
N ASN A 156 -0.26 2.12 -13.74
CA ASN A 156 -0.84 2.75 -14.93
C ASN A 156 -1.95 3.74 -14.59
N GLY A 157 -2.12 4.10 -13.31
CA GLY A 157 -3.01 5.18 -12.93
C GLY A 157 -4.29 4.77 -12.23
N TYR A 158 -4.53 3.49 -12.00
CA TYR A 158 -5.73 3.08 -11.31
C TYR A 158 -5.60 3.24 -9.80
N HIS A 159 -6.71 3.57 -9.15
CA HIS A 159 -6.82 3.51 -7.69
C HIS A 159 -7.31 2.11 -7.33
N THR A 160 -6.47 1.32 -6.66
CA THR A 160 -6.70 -0.11 -6.48
C THR A 160 -7.18 -0.41 -5.07
N ILE A 161 -8.30 -1.13 -4.97
CA ILE A 161 -8.94 -1.43 -3.70
C ILE A 161 -9.10 -2.93 -3.58
N HIS A 162 -8.66 -3.49 -2.46
CA HIS A 162 -8.93 -4.88 -2.08
C HIS A 162 -9.87 -4.95 -0.89
N CYS A 163 -10.88 -5.82 -1.00
CA CYS A 163 -11.88 -5.95 0.03
C CYS A 163 -12.25 -7.41 0.20
N GLY A 164 -11.96 -7.98 1.38
CA GLY A 164 -12.29 -9.36 1.65
C GLY A 164 -11.13 -10.35 1.67
N LYS A 165 -11.37 -11.55 1.13
CA LYS A 165 -10.41 -12.64 1.17
C LYS A 165 -9.27 -12.39 0.18
N ALA A 166 -8.04 -12.28 0.69
CA ALA A 166 -6.88 -12.12 -0.18
C ALA A 166 -6.25 -13.49 -0.43
N HIS A 167 -5.63 -14.07 0.60
CA HIS A 167 -5.16 -15.46 0.53
C HIS A 167 -4.14 -15.63 -0.60
N PHE A 168 -3.19 -14.70 -0.70
CA PHE A 168 -2.17 -14.72 -1.74
C PHE A 168 -0.82 -15.23 -1.25
N GLY A 169 -0.51 -15.07 0.03
CA GLY A 169 0.76 -15.50 0.57
C GLY A 169 0.57 -16.04 1.97
N ALA A 170 1.48 -16.92 2.37
CA ALA A 170 1.38 -17.51 3.69
C ALA A 170 1.59 -16.43 4.75
N VAL A 171 1.12 -16.71 5.97
CA VAL A 171 1.31 -15.77 7.06
C VAL A 171 2.80 -15.51 7.26
N ASN A 172 3.15 -14.25 7.54
CA ASN A 172 4.54 -13.81 7.73
C ASN A 172 5.43 -14.06 6.50
N THR A 173 4.84 -13.98 5.30
CA THR A 173 5.59 -13.83 4.06
C THR A 173 5.06 -12.59 3.30
N PRO A 174 5.86 -11.97 2.43
CA PRO A 174 5.45 -10.66 1.86
C PRO A 174 4.07 -10.64 1.23
N GLY A 175 3.66 -11.72 0.56
CA GLY A 175 2.38 -11.73 -0.13
C GLY A 175 1.15 -11.85 0.76
N GLU A 176 1.32 -11.97 2.08
CA GLU A 176 0.16 -11.91 2.96
C GLU A 176 -0.53 -10.55 2.88
N SER A 177 0.16 -9.51 2.38
CA SER A 177 -0.32 -8.15 2.40
C SER A 177 -0.91 -7.77 1.05
N PRO A 178 -2.21 -7.46 0.97
CA PRO A 178 -2.72 -6.81 -0.24
C PRO A 178 -1.91 -5.57 -0.65
N TYR A 179 -1.42 -4.78 0.32
CA TYR A 179 -0.57 -3.63 -0.03
C TYR A 179 0.68 -4.08 -0.78
N HIS A 180 1.35 -5.13 -0.29
CA HIS A 180 2.53 -5.63 -1.01
C HIS A 180 2.20 -6.00 -2.44
N MET A 181 0.98 -6.53 -2.68
CA MET A 181 0.57 -7.00 -3.99
C MET A 181 0.07 -5.89 -4.90
N GLY A 182 0.12 -4.63 -4.47
CA GLY A 182 -0.25 -3.54 -5.34
C GLY A 182 -1.60 -2.89 -5.08
N PHE A 183 -2.28 -3.22 -4.00
CA PHE A 183 -3.52 -2.54 -3.62
C PHE A 183 -3.22 -1.33 -2.73
N GLU A 184 -3.79 -0.18 -3.09
CA GLU A 184 -3.60 1.01 -2.27
C GLU A 184 -4.49 1.02 -1.04
N VAL A 185 -5.60 0.28 -1.08
CA VAL A 185 -6.59 0.19 0.00
C VAL A 185 -6.84 -1.28 0.31
N ASN A 186 -6.79 -1.64 1.60
CA ASN A 186 -7.02 -3.01 2.05
C ASN A 186 -8.13 -3.03 3.09
N ILE A 187 -9.20 -3.77 2.81
CA ILE A 187 -10.23 -4.06 3.80
C ILE A 187 -10.21 -5.57 4.04
N ALA A 188 -9.80 -5.97 5.25
CA ALA A 188 -9.93 -7.33 5.79
C ALA A 188 -9.04 -8.37 5.10
N GLY A 189 -8.08 -7.95 4.29
CA GLY A 189 -7.29 -8.88 3.52
C GLY A 189 -6.03 -9.29 4.27
N HIS A 190 -5.85 -10.59 4.43
CA HIS A 190 -4.62 -11.09 5.05
C HIS A 190 -4.30 -12.45 4.44
N ALA A 191 -3.54 -13.26 5.17
CA ALA A 191 -3.14 -14.58 4.68
C ALA A 191 -4.24 -15.62 4.82
N GLY A 192 -5.24 -15.36 5.66
CA GLY A 192 -6.32 -16.30 5.84
C GLY A 192 -7.17 -16.55 4.61
N GLY A 193 -7.38 -17.83 4.29
CA GLY A 193 -8.30 -18.21 3.23
C GLY A 193 -9.68 -18.54 3.75
N GLY A 194 -9.86 -18.66 5.06
CA GLY A 194 -11.18 -18.90 5.61
C GLY A 194 -11.60 -17.82 6.57
N LEU A 195 -12.59 -18.08 7.42
CA LEU A 195 -12.98 -17.11 8.42
C LEU A 195 -13.55 -17.83 9.63
N ALA A 196 -13.22 -17.30 10.82
CA ALA A 196 -13.63 -17.95 12.06
C ALA A 196 -15.15 -17.91 12.24
N SER A 197 -15.79 -16.78 11.92
CA SER A 197 -17.23 -16.64 12.09
C SER A 197 -17.74 -15.51 11.19
N TYR A 198 -18.94 -15.70 10.66
CA TYR A 198 -19.62 -14.63 9.94
C TYR A 198 -20.26 -13.59 10.86
N LEU A 199 -20.35 -13.88 12.17
CA LEU A 199 -21.19 -13.12 13.09
C LEU A 199 -20.40 -12.00 13.75
N GLY A 200 -20.90 -10.76 13.61
CA GLY A 200 -20.35 -9.65 14.36
C GLY A 200 -20.49 -9.85 15.86
N GLU A 201 -21.52 -10.58 16.28
CA GLU A 201 -21.62 -10.96 17.67
C GLU A 201 -20.41 -11.75 18.13
N ASN A 202 -19.77 -12.50 17.22
CA ASN A 202 -18.58 -13.25 17.57
C ASN A 202 -17.30 -12.54 17.17
N ASN A 203 -17.38 -11.24 16.87
CA ASN A 203 -16.22 -10.44 16.46
C ASN A 203 -15.52 -11.04 15.25
N TYR A 204 -16.25 -11.81 14.43
CA TYR A 204 -15.68 -12.54 13.30
C TYR A 204 -14.49 -13.41 13.72
N GLY A 205 -14.46 -13.83 14.98
CA GLY A 205 -13.38 -14.68 15.49
C GLY A 205 -12.37 -13.97 16.35
N ASN A 206 -12.34 -12.65 16.39
CA ASN A 206 -11.28 -11.98 17.14
C ASN A 206 -11.52 -12.10 18.64
N ARG A 207 -10.48 -12.51 19.38
CA ARG A 207 -10.56 -12.54 20.83
C ARG A 207 -10.34 -11.15 21.40
N THR A 208 -10.92 -10.90 22.56
CA THR A 208 -10.69 -9.67 23.31
C THR A 208 -10.02 -9.92 24.65
N ASP A 209 -10.36 -11.03 25.31
CA ASP A 209 -9.71 -11.42 26.57
C ASP A 209 -8.47 -12.23 26.24
N GLY A 210 -7.31 -11.61 26.43
CA GLY A 210 -6.05 -12.29 26.22
C GLY A 210 -5.69 -12.38 24.76
N LYS A 211 -4.49 -12.91 24.51
CA LYS A 211 -3.78 -12.72 23.24
C LYS A 211 -3.54 -14.04 22.50
N PRO A 212 -4.61 -14.76 22.05
CA PRO A 212 -4.37 -15.88 21.13
C PRO A 212 -5.35 -15.92 19.97
N ASN A 213 -5.02 -15.30 18.81
CA ASN A 213 -6.09 -15.20 17.81
C ASN A 213 -6.05 -16.37 16.84
N PRO A 214 -7.21 -16.94 16.48
CA PRO A 214 -7.22 -18.00 15.46
C PRO A 214 -6.81 -17.48 14.09
N TRP A 215 -6.23 -18.37 13.28
CA TRP A 215 -5.77 -18.05 11.93
C TRP A 215 -6.75 -17.20 11.13
N PHE A 216 -8.04 -17.58 11.13
CA PHE A 216 -9.00 -17.02 10.20
C PHE A 216 -9.88 -15.94 10.84
N ALA A 217 -9.47 -15.38 11.98
CA ALA A 217 -10.15 -14.19 12.47
C ALA A 217 -10.04 -13.08 11.43
N VAL A 218 -11.14 -12.37 11.21
CA VAL A 218 -11.25 -11.37 10.15
C VAL A 218 -10.74 -10.03 10.69
N PRO A 219 -9.70 -9.45 10.10
CA PRO A 219 -9.20 -8.15 10.57
C PRO A 219 -9.92 -7.01 9.83
N GLY A 220 -9.73 -5.81 10.36
CA GLY A 220 -10.20 -4.63 9.66
C GLY A 220 -11.66 -4.29 9.82
N LEU A 221 -12.38 -4.94 10.74
CA LEU A 221 -13.82 -4.68 10.91
C LEU A 221 -14.16 -4.47 12.38
N ASP A 222 -13.23 -3.84 13.11
CA ASP A 222 -13.35 -3.76 14.56
C ASP A 222 -14.62 -3.00 14.99
N LYS A 223 -15.02 -1.97 14.23
CA LYS A 223 -16.19 -1.21 14.62
C LYS A 223 -17.50 -1.98 14.46
N TYR A 224 -17.50 -3.15 13.82
CA TYR A 224 -18.71 -3.95 13.74
C TYR A 224 -18.79 -5.01 14.82
N TRP A 225 -17.77 -5.10 15.68
CA TRP A 225 -17.74 -6.15 16.70
C TRP A 225 -18.90 -5.98 17.65
N GLY A 226 -19.48 -7.11 18.07
CA GLY A 226 -20.57 -7.03 19.00
C GLY A 226 -21.85 -6.42 18.47
N THR A 227 -21.95 -6.21 17.15
CA THR A 227 -23.20 -5.88 16.52
C THR A 227 -23.73 -7.12 15.80
N ASP A 228 -24.93 -7.01 15.23
CA ASP A 228 -25.46 -8.09 14.41
C ASP A 228 -25.17 -7.90 12.93
N THR A 229 -24.06 -7.23 12.58
CA THR A 229 -23.66 -7.09 11.18
C THR A 229 -22.99 -8.39 10.71
N PHE A 230 -23.69 -9.13 9.86
CA PHE A 230 -23.10 -10.27 9.13
C PHE A 230 -21.91 -9.80 8.28
N VAL A 231 -20.87 -10.65 8.18
CA VAL A 231 -19.58 -10.17 7.67
C VAL A 231 -19.70 -9.71 6.21
N SER A 232 -20.51 -10.41 5.40
CA SER A 232 -20.75 -9.99 4.03
C SER A 232 -21.38 -8.60 3.97
N GLU A 233 -22.18 -8.25 4.98
CA GLU A 233 -22.73 -6.90 5.07
C GLU A 233 -21.65 -5.90 5.44
N ALA A 234 -20.84 -6.24 6.45
CA ALA A 234 -19.73 -5.38 6.84
C ALA A 234 -18.80 -5.12 5.67
N LEU A 235 -18.48 -6.15 4.90
CA LEU A 235 -17.59 -5.98 3.77
C LEU A 235 -18.19 -5.03 2.75
N THR A 236 -19.49 -5.16 2.49
CA THR A 236 -20.15 -4.27 1.52
C THR A 236 -20.14 -2.82 2.00
N LEU A 237 -20.41 -2.57 3.28
CA LEU A 237 -20.44 -1.19 3.75
C LEU A 237 -19.06 -0.54 3.70
N GLU A 238 -18.00 -1.30 4.01
CA GLU A 238 -16.66 -0.72 3.91
C GLU A 238 -16.24 -0.57 2.45
N ALA A 239 -16.67 -1.48 1.58
CA ALA A 239 -16.43 -1.28 0.15
C ALA A 239 -17.13 -0.02 -0.34
N ILE A 240 -18.35 0.23 0.14
CA ILE A 240 -19.05 1.42 -0.32
C ILE A 240 -18.30 2.68 0.10
N LYS A 241 -17.76 2.72 1.33
CA LYS A 241 -16.99 3.90 1.70
C LYS A 241 -15.68 4.00 0.95
N ALA A 242 -15.07 2.87 0.60
CA ALA A 242 -13.85 2.97 -0.20
C ALA A 242 -14.16 3.56 -1.57
N LEU A 243 -15.37 3.31 -2.08
CA LEU A 243 -15.80 3.83 -3.37
C LEU A 243 -16.17 5.31 -3.30
N ASN A 244 -16.84 5.73 -2.21
CA ASN A 244 -17.07 7.15 -2.03
C ASN A 244 -15.74 7.91 -1.96
N HIS A 245 -14.77 7.39 -1.20
CA HIS A 245 -13.45 8.00 -1.18
C HIS A 245 -12.83 8.03 -2.57
N ALA A 246 -13.02 6.96 -3.35
CA ALA A 246 -12.45 6.90 -4.70
C ALA A 246 -13.06 7.97 -5.62
N LYS A 247 -14.29 8.39 -5.38
CA LYS A 247 -14.86 9.46 -6.16
C LYS A 247 -14.08 10.77 -6.00
N GLU A 248 -13.35 10.94 -4.89
CA GLU A 248 -12.54 12.14 -4.67
C GLU A 248 -11.33 12.22 -5.60
N TYR A 249 -10.84 11.09 -6.10
CA TYR A 249 -9.62 11.06 -6.89
C TYR A 249 -9.95 11.06 -8.36
N ASN A 250 -9.24 11.89 -9.13
CA ASN A 250 -9.49 11.96 -10.57
C ASN A 250 -8.65 10.89 -11.30
N GLN A 251 -9.07 9.64 -11.10
CA GLN A 251 -8.44 8.45 -11.66
C GLN A 251 -9.47 7.33 -11.62
N PRO A 252 -9.39 6.35 -12.51
CA PRO A 252 -10.32 5.22 -12.43
C PRO A 252 -9.92 4.32 -11.28
N PHE A 253 -10.86 3.44 -10.90
CA PHE A 253 -10.59 2.54 -9.80
C PHE A 253 -10.73 1.08 -10.24
N PHE A 254 -10.15 0.22 -9.42
CA PHE A 254 -10.31 -1.22 -9.56
C PHE A 254 -10.63 -1.72 -8.16
N LEU A 255 -11.81 -2.29 -7.98
CA LEU A 255 -12.21 -2.87 -6.71
C LEU A 255 -12.20 -4.38 -6.86
N TYR A 256 -11.36 -5.06 -6.08
CA TYR A 256 -11.39 -6.52 -6.00
C TYR A 256 -12.27 -6.89 -4.82
N MET A 257 -13.57 -7.09 -5.10
CA MET A 257 -14.53 -7.45 -4.05
C MET A 257 -14.53 -8.96 -3.91
N ALA A 258 -13.74 -9.46 -2.95
CA ALA A 258 -13.52 -10.90 -2.79
C ALA A 258 -14.14 -11.36 -1.47
N HIS A 259 -15.37 -11.87 -1.56
CA HIS A 259 -16.13 -12.25 -0.36
C HIS A 259 -15.49 -13.42 0.37
N TYR A 260 -15.69 -13.43 1.69
CA TYR A 260 -15.40 -14.66 2.44
C TYR A 260 -16.52 -15.68 2.27
N ALA A 261 -17.76 -15.22 2.10
CA ALA A 261 -18.86 -16.08 1.69
C ALA A 261 -18.51 -16.73 0.35
N ILE A 262 -18.88 -18.01 0.18
CA ILE A 262 -19.76 -18.75 1.06
C ILE A 262 -19.02 -19.90 1.76
N HIS A 263 -17.81 -19.58 2.23
CA HIS A 263 -16.91 -20.53 2.86
C HIS A 263 -17.51 -21.07 4.15
N VAL A 264 -17.04 -22.24 4.58
CA VAL A 264 -17.45 -22.79 5.87
C VAL A 264 -16.77 -21.98 6.97
N PRO A 265 -17.30 -21.99 8.21
CA PRO A 265 -18.53 -22.68 8.63
C PRO A 265 -19.78 -21.95 8.15
N ILE A 266 -20.86 -22.68 7.91
CA ILE A 266 -22.06 -22.08 7.29
C ILE A 266 -22.90 -21.52 8.44
N ASP A 267 -22.51 -20.32 8.91
CA ASP A 267 -23.28 -19.64 9.95
C ASP A 267 -24.63 -19.18 9.40
N LYS A 268 -25.61 -19.07 10.29
CA LYS A 268 -26.96 -18.65 9.88
C LYS A 268 -27.04 -17.13 9.80
N ASP A 269 -27.53 -16.64 8.67
CA ASP A 269 -27.82 -15.23 8.49
C ASP A 269 -29.32 -15.04 8.75
N LYS A 270 -29.63 -14.49 9.93
CA LYS A 270 -31.03 -14.34 10.33
C LYS A 270 -31.84 -13.54 9.31
N ARG A 271 -31.20 -12.66 8.54
CA ARG A 271 -31.91 -11.89 7.51
C ARG A 271 -32.66 -12.78 6.53
N PHE A 272 -32.18 -13.99 6.30
CA PHE A 272 -32.78 -14.83 5.28
C PHE A 272 -33.07 -16.25 5.72
N TYR A 273 -32.55 -16.67 6.87
CA TYR A 273 -32.56 -18.09 7.22
C TYR A 273 -33.97 -18.64 7.28
N GLN A 274 -34.85 -18.00 8.07
CA GLN A 274 -36.18 -18.55 8.30
C GLN A 274 -36.99 -18.62 7.01
N LYS A 275 -36.76 -17.70 6.08
CA LYS A 275 -37.48 -17.76 4.82
C LYS A 275 -37.27 -19.10 4.11
N TYR A 276 -36.03 -19.59 4.10
CA TYR A 276 -35.77 -20.85 3.41
C TYR A 276 -36.30 -22.05 4.21
N ILE A 277 -36.26 -21.96 5.54
CA ILE A 277 -36.90 -22.98 6.35
C ILE A 277 -38.38 -23.06 6.02
N ASP A 278 -38.99 -21.90 5.72
CA ASP A 278 -40.40 -21.87 5.33
C ASP A 278 -40.61 -22.39 3.91
N LYS A 279 -39.61 -22.22 3.03
CA LYS A 279 -39.67 -22.81 1.69
C LYS A 279 -39.62 -24.33 1.74
N GLY A 280 -39.18 -24.91 2.86
CA GLY A 280 -39.11 -26.34 2.99
C GLY A 280 -37.72 -26.93 3.01
N LEU A 281 -36.68 -26.12 3.10
CA LEU A 281 -35.33 -26.66 3.07
C LEU A 281 -34.90 -27.15 4.46
N THR A 282 -34.01 -28.14 4.46
CA THR A 282 -33.40 -28.59 5.69
C THR A 282 -32.56 -27.45 6.28
N PRO A 283 -32.32 -27.47 7.60
CA PRO A 283 -31.56 -26.36 8.20
C PRO A 283 -30.21 -26.10 7.56
N LYS A 284 -29.43 -27.17 7.31
CA LYS A 284 -28.16 -27.03 6.61
C LYS A 284 -28.36 -26.31 5.29
N GLU A 285 -29.36 -26.73 4.50
CA GLU A 285 -29.55 -26.11 3.20
C GLU A 285 -30.15 -24.71 3.32
N ALA A 286 -30.97 -24.45 4.34
CA ALA A 286 -31.45 -23.09 4.53
C ALA A 286 -30.31 -22.14 4.89
N ALA A 287 -29.34 -22.60 5.68
CA ALA A 287 -28.19 -21.75 5.97
C ALA A 287 -27.33 -21.52 4.73
N TYR A 288 -27.16 -22.54 3.88
CA TYR A 288 -26.41 -22.33 2.65
C TYR A 288 -27.12 -21.30 1.76
N ALA A 289 -28.42 -21.51 1.52
CA ALA A 289 -29.21 -20.57 0.72
C ALA A 289 -29.09 -19.15 1.25
N ALA A 290 -29.05 -19.00 2.57
CA ALA A 290 -28.96 -17.68 3.17
C ALA A 290 -27.60 -17.04 2.93
N LEU A 291 -26.52 -17.85 2.95
CA LEU A 291 -25.20 -17.32 2.56
C LEU A 291 -25.22 -16.85 1.12
N ILE A 292 -25.84 -17.63 0.24
CA ILE A 292 -25.90 -17.28 -1.18
C ILE A 292 -26.64 -15.97 -1.38
N GLU A 293 -27.72 -15.76 -0.62
CA GLU A 293 -28.53 -14.57 -0.85
C GLU A 293 -27.86 -13.32 -0.28
N GLY A 294 -27.12 -13.45 0.81
CA GLY A 294 -26.41 -12.30 1.35
C GLY A 294 -25.25 -11.89 0.48
N MET A 295 -24.57 -12.86 -0.14
CA MET A 295 -23.62 -12.53 -1.19
C MET A 295 -24.31 -11.72 -2.28
N ASP A 296 -25.46 -12.19 -2.75
CA ASP A 296 -26.18 -11.51 -3.82
C ASP A 296 -26.66 -10.12 -3.39
N LYS A 297 -27.00 -9.95 -2.11
CA LYS A 297 -27.38 -8.62 -1.63
C LYS A 297 -26.21 -7.66 -1.74
N SER A 298 -25.00 -8.16 -1.45
CA SER A 298 -23.81 -7.35 -1.61
C SER A 298 -23.65 -6.91 -3.08
N LEU A 299 -23.83 -7.84 -4.03
CA LEU A 299 -23.71 -7.50 -5.44
C LEU A 299 -24.72 -6.42 -5.81
N GLY A 300 -25.97 -6.59 -5.38
CA GLY A 300 -26.97 -5.57 -5.61
C GLY A 300 -26.58 -4.22 -5.02
N ASP A 301 -26.00 -4.24 -3.82
CA ASP A 301 -25.70 -2.97 -3.13
C ASP A 301 -24.62 -2.19 -3.87
N LEU A 302 -23.59 -2.88 -4.38
CA LEU A 302 -22.61 -2.20 -5.22
C LEU A 302 -23.22 -1.75 -6.54
N MET A 303 -24.10 -2.57 -7.13
CA MET A 303 -24.74 -2.19 -8.38
C MET A 303 -25.60 -0.94 -8.21
N ASP A 304 -26.30 -0.83 -7.07
CA ASP A 304 -27.08 0.37 -6.79
C ASP A 304 -26.16 1.54 -6.51
N TRP A 305 -25.05 1.30 -5.81
CA TRP A 305 -24.10 2.38 -5.58
C TRP A 305 -23.61 2.95 -6.91
N LEU A 306 -23.26 2.07 -7.86
CA LEU A 306 -22.88 2.51 -9.20
C LEU A 306 -23.98 3.33 -9.86
N ASP A 307 -25.23 2.83 -9.82
CA ASP A 307 -26.36 3.53 -10.43
C ASP A 307 -26.51 4.93 -9.87
N LYS A 308 -26.40 5.06 -8.54
CA LYS A 308 -26.71 6.32 -7.87
C LYS A 308 -25.57 7.33 -7.89
N ASN A 309 -24.36 6.94 -8.29
CA ASN A 309 -23.24 7.88 -8.36
C ASN A 309 -22.79 8.12 -9.80
N GLY A 310 -23.60 7.74 -10.79
CA GLY A 310 -23.27 8.01 -12.18
C GLY A 310 -22.11 7.20 -12.73
N GLU A 311 -21.83 6.03 -12.18
CA GLU A 311 -20.67 5.26 -12.59
C GLU A 311 -21.03 4.00 -13.39
N ALA A 312 -22.32 3.66 -13.49
CA ALA A 312 -22.72 2.38 -14.05
C ALA A 312 -22.34 2.24 -15.52
N ASP A 313 -22.31 3.34 -16.26
CA ASP A 313 -22.04 3.25 -17.70
C ASP A 313 -20.55 3.20 -18.00
N ASN A 314 -19.70 3.58 -17.05
CA ASN A 314 -18.26 3.49 -17.29
C ASN A 314 -17.59 2.56 -16.28
N THR A 315 -18.29 1.49 -15.87
CA THR A 315 -17.74 0.51 -14.94
C THR A 315 -17.98 -0.89 -15.47
N ILE A 316 -16.93 -1.69 -15.50
CA ILE A 316 -17.01 -3.09 -15.84
C ILE A 316 -17.20 -3.90 -14.56
N VAL A 317 -18.19 -4.78 -14.57
CA VAL A 317 -18.46 -5.66 -13.44
C VAL A 317 -18.20 -7.09 -13.90
N ILE A 318 -17.28 -7.77 -13.22
CA ILE A 318 -16.99 -9.17 -13.49
C ILE A 318 -17.36 -9.98 -12.26
N PHE A 319 -18.30 -10.90 -12.44
CA PHE A 319 -18.71 -11.83 -11.40
C PHE A 319 -18.00 -13.16 -11.62
N MET A 320 -17.45 -13.71 -10.54
CA MET A 320 -16.68 -14.95 -10.67
C MET A 320 -16.70 -15.67 -9.33
N SER A 321 -16.41 -16.97 -9.37
CA SER A 321 -16.18 -17.76 -8.18
C SER A 321 -14.85 -18.50 -8.34
N ASP A 322 -14.23 -18.83 -7.21
CA ASP A 322 -12.87 -19.34 -7.24
C ASP A 322 -12.76 -20.85 -7.31
N ASN A 323 -13.81 -21.60 -6.98
CA ASN A 323 -13.82 -23.05 -7.17
C ASN A 323 -15.24 -23.57 -6.88
N GLY A 324 -15.42 -24.89 -7.04
CA GLY A 324 -16.73 -25.48 -6.88
C GLY A 324 -17.23 -25.49 -5.44
N GLY A 325 -18.53 -25.65 -5.28
CA GLY A 325 -19.08 -25.72 -3.95
C GLY A 325 -18.58 -26.94 -3.19
N LEU A 326 -18.57 -26.83 -1.87
CA LEU A 326 -18.13 -27.94 -1.02
C LEU A 326 -19.19 -29.05 -1.05
N SER A 327 -18.81 -30.21 -1.60
CA SER A 327 -19.72 -31.35 -1.67
C SER A 327 -19.14 -32.60 -1.01
N SER A 328 -18.09 -32.44 -0.19
CA SER A 328 -17.40 -33.53 0.47
C SER A 328 -17.91 -33.83 1.87
N GLU A 329 -18.69 -32.92 2.46
CA GLU A 329 -18.87 -32.92 3.91
C GLU A 329 -20.33 -32.96 4.31
N PRO A 330 -20.84 -34.09 4.80
CA PRO A 330 -22.28 -34.19 5.11
C PRO A 330 -22.69 -33.39 6.33
N GLY A 331 -21.75 -33.02 7.21
CA GLY A 331 -22.05 -32.12 8.30
C GLY A 331 -22.36 -30.69 7.88
N TRP A 332 -22.10 -30.32 6.64
CA TRP A 332 -22.48 -28.99 6.17
C TRP A 332 -23.58 -29.00 5.13
N ARG A 333 -23.73 -30.09 4.37
CA ARG A 333 -24.69 -30.10 3.28
C ARG A 333 -25.53 -31.38 3.33
N ASP A 334 -26.81 -31.23 3.03
CA ASP A 334 -27.71 -32.35 2.82
C ASP A 334 -27.79 -32.66 1.33
N GLY A 335 -28.57 -33.69 0.99
CA GLY A 335 -28.58 -34.25 -0.35
C GLY A 335 -27.50 -35.30 -0.53
N LYS A 336 -27.66 -36.09 -1.60
CA LYS A 336 -26.71 -37.15 -1.89
C LYS A 336 -25.29 -36.60 -1.95
N LEU A 337 -24.41 -37.16 -1.13
CA LEU A 337 -23.07 -36.59 -1.02
C LEU A 337 -22.35 -36.60 -2.38
N HIS A 338 -21.57 -35.56 -2.63
CA HIS A 338 -20.80 -35.32 -3.86
C HIS A 338 -21.69 -34.96 -5.04
N THR A 339 -22.93 -34.52 -4.80
CA THR A 339 -23.80 -34.07 -5.88
C THR A 339 -24.31 -32.65 -5.69
N GLN A 340 -23.72 -31.87 -4.79
CA GLN A 340 -24.25 -30.55 -4.46
C GLN A 340 -23.96 -29.50 -5.52
N ASN A 341 -23.29 -29.86 -6.63
CA ASN A 341 -23.16 -28.98 -7.79
C ASN A 341 -23.85 -29.61 -9.01
N SER A 342 -24.81 -30.49 -8.75
CA SER A 342 -25.50 -31.19 -9.82
C SER A 342 -26.07 -30.19 -10.82
N PRO A 343 -26.04 -30.48 -12.13
CA PRO A 343 -25.66 -31.75 -12.77
C PRO A 343 -24.16 -32.00 -12.85
N LEU A 344 -23.32 -31.15 -12.25
CA LEU A 344 -21.90 -31.42 -12.33
C LEU A 344 -21.50 -32.47 -11.29
N ASN A 345 -20.42 -33.20 -11.60
CA ASN A 345 -19.93 -34.25 -10.71
C ASN A 345 -19.07 -33.68 -9.57
N SER A 346 -19.44 -34.01 -8.34
CA SER A 346 -18.62 -33.75 -7.17
C SER A 346 -18.49 -32.23 -6.98
N GLY A 347 -17.34 -31.74 -6.50
CA GLY A 347 -17.23 -30.34 -6.17
C GLY A 347 -15.84 -29.95 -5.72
N LYS A 348 -15.77 -29.03 -4.75
CA LYS A 348 -14.49 -28.48 -4.32
C LYS A 348 -13.46 -29.58 -4.07
N GLY A 349 -12.25 -29.39 -4.61
CA GLY A 349 -11.19 -30.36 -4.50
C GLY A 349 -11.13 -31.38 -5.62
N SER A 350 -12.19 -31.50 -6.43
CA SER A 350 -12.28 -32.47 -7.51
C SER A 350 -11.78 -31.87 -8.82
N ALA A 351 -11.16 -32.72 -9.62
CA ALA A 351 -10.86 -32.32 -10.99
C ALA A 351 -12.08 -32.45 -11.90
N TYR A 352 -13.17 -33.06 -11.40
CA TYR A 352 -14.44 -33.10 -12.13
C TYR A 352 -14.99 -31.68 -12.30
N GLU A 353 -15.99 -31.54 -13.19
CA GLU A 353 -16.54 -30.20 -13.46
C GLU A 353 -17.12 -29.55 -12.21
N GLY A 354 -17.59 -30.34 -11.27
CA GLY A 354 -18.13 -29.78 -10.04
C GLY A 354 -17.10 -29.01 -9.24
N GLY A 355 -15.81 -29.36 -9.41
CA GLY A 355 -14.75 -28.66 -8.72
C GLY A 355 -14.20 -27.43 -9.43
N VAL A 356 -14.44 -27.30 -10.74
CA VAL A 356 -13.74 -26.30 -11.53
C VAL A 356 -14.66 -25.43 -12.40
N ARG A 357 -15.89 -25.82 -12.72
CA ARG A 357 -16.76 -24.97 -13.53
C ARG A 357 -17.47 -23.95 -12.64
N GLU A 358 -17.22 -22.63 -12.90
CA GLU A 358 -17.61 -21.51 -12.07
C GLU A 358 -18.65 -20.61 -12.74
N PRO A 359 -19.54 -20.00 -11.96
CA PRO A 359 -20.46 -19.01 -12.54
C PRO A 359 -19.74 -17.70 -12.83
N MET A 360 -19.92 -17.18 -14.05
CA MET A 360 -19.18 -16.00 -14.46
C MET A 360 -20.06 -15.10 -15.31
N ILE A 361 -20.01 -13.81 -15.02
CA ILE A 361 -20.84 -12.81 -15.67
C ILE A 361 -20.00 -11.58 -15.92
N VAL A 362 -20.20 -10.93 -17.06
CA VAL A 362 -19.51 -9.67 -17.33
C VAL A 362 -20.53 -8.66 -17.85
N ARG A 363 -20.62 -7.54 -17.17
CA ARG A 363 -21.32 -6.36 -17.67
C ARG A 363 -20.24 -5.38 -18.11
N TRP A 364 -20.45 -4.76 -19.25
CA TRP A 364 -19.52 -3.82 -19.84
C TRP A 364 -20.37 -2.96 -20.79
N PRO A 365 -21.07 -1.95 -20.26
CA PRO A 365 -22.07 -1.23 -21.07
C PRO A 365 -21.44 -0.56 -22.29
N GLY A 366 -22.09 -0.72 -23.44
CA GLY A 366 -21.59 -0.21 -24.69
C GLY A 366 -20.68 -1.15 -25.47
N VAL A 367 -20.15 -2.18 -24.83
CA VAL A 367 -19.21 -3.11 -25.44
C VAL A 367 -19.81 -4.51 -25.51
N VAL A 368 -20.34 -4.99 -24.39
CA VAL A 368 -20.86 -6.33 -24.28
C VAL A 368 -22.37 -6.28 -24.50
N LYS A 369 -22.88 -7.11 -25.41
CA LYS A 369 -24.28 -7.04 -25.75
C LYS A 369 -25.10 -7.70 -24.65
N PRO A 370 -26.13 -7.04 -24.14
CA PRO A 370 -26.81 -7.52 -22.93
C PRO A 370 -27.60 -8.81 -23.17
N ASP A 371 -27.81 -9.53 -22.07
CA ASP A 371 -28.62 -10.74 -22.05
C ASP A 371 -28.11 -11.82 -23.00
N THR A 372 -26.79 -12.03 -23.00
CA THR A 372 -26.21 -13.00 -23.92
C THR A 372 -25.41 -14.04 -23.14
N LYS A 373 -25.06 -15.13 -23.83
CA LYS A 373 -24.31 -16.24 -23.27
C LYS A 373 -23.15 -16.60 -24.18
N CYS A 374 -22.07 -17.10 -23.58
CA CYS A 374 -20.89 -17.49 -24.33
C CYS A 374 -20.44 -18.87 -23.86
N ASP A 375 -20.45 -19.80 -24.80
CA ASP A 375 -20.15 -21.22 -24.61
C ASP A 375 -18.66 -21.50 -24.59
N LYS A 376 -17.83 -20.59 -25.14
CA LYS A 376 -16.41 -20.87 -25.31
C LYS A 376 -15.72 -20.92 -23.94
N TYR A 377 -14.78 -21.84 -23.79
CA TYR A 377 -14.20 -22.01 -22.47
C TYR A 377 -13.03 -21.06 -22.25
N LEU A 378 -12.84 -20.69 -20.98
CA LEU A 378 -11.72 -19.88 -20.55
C LEU A 378 -11.32 -20.32 -19.14
N ILE A 379 -10.14 -19.90 -18.71
CA ILE A 379 -9.60 -20.31 -17.42
C ILE A 379 -9.09 -19.08 -16.66
N ILE A 380 -9.07 -19.21 -15.32
CA ILE A 380 -8.89 -18.08 -14.40
C ILE A 380 -7.65 -17.24 -14.72
N GLU A 381 -6.51 -17.87 -15.07
CA GLU A 381 -5.33 -17.06 -15.40
C GLU A 381 -5.58 -16.11 -16.56
N ASP A 382 -6.61 -16.34 -17.38
CA ASP A 382 -6.97 -15.42 -18.46
C ASP A 382 -7.48 -14.07 -17.94
N PHE A 383 -8.04 -14.05 -16.72
CA PHE A 383 -8.51 -12.80 -16.12
C PHE A 383 -7.41 -11.73 -16.08
N TYR A 384 -6.14 -12.16 -15.93
CA TYR A 384 -5.03 -11.21 -15.80
C TYR A 384 -4.82 -10.41 -17.07
N PRO A 385 -4.50 -11.01 -18.24
CA PRO A 385 -4.44 -10.20 -19.47
C PRO A 385 -5.74 -9.50 -19.79
N SER A 386 -6.90 -10.09 -19.46
CA SER A 386 -8.17 -9.50 -19.86
C SER A 386 -8.44 -8.21 -19.09
N ILE A 387 -8.14 -8.20 -17.80
CA ILE A 387 -8.41 -7.01 -17.00
C ILE A 387 -7.46 -5.88 -17.39
N LEU A 388 -6.19 -6.21 -17.66
CA LEU A 388 -5.25 -5.21 -18.13
C LEU A 388 -5.68 -4.61 -19.47
N GLU A 389 -6.25 -5.43 -20.35
CA GLU A 389 -6.73 -4.95 -21.64
C GLU A 389 -7.99 -4.10 -21.47
N MET A 390 -8.87 -4.49 -20.54
CA MET A 390 -10.03 -3.66 -20.25
C MET A 390 -9.59 -2.30 -19.78
N ALA A 391 -8.50 -2.26 -19.01
CA ALA A 391 -7.97 -1.02 -18.46
C ALA A 391 -7.11 -0.26 -19.47
N GLN A 392 -7.01 -0.77 -20.70
CA GLN A 392 -6.25 -0.12 -21.76
C GLN A 392 -4.79 0.05 -21.38
N VAL A 393 -4.29 -0.91 -20.61
CA VAL A 393 -2.85 -1.03 -20.38
C VAL A 393 -2.26 -1.69 -21.63
N LYS A 394 -2.00 -0.88 -22.66
CA LYS A 394 -1.68 -1.46 -23.97
C LYS A 394 -0.29 -2.09 -23.99
N HIS A 395 0.59 -1.76 -23.06
CA HIS A 395 1.91 -2.39 -23.00
C HIS A 395 2.35 -2.52 -21.54
N TYR A 396 3.01 -3.63 -21.23
CA TYR A 396 3.52 -3.90 -19.90
C TYR A 396 4.53 -5.03 -19.98
N LYS A 397 5.37 -5.11 -18.94
CA LYS A 397 6.35 -6.16 -18.75
C LYS A 397 6.11 -6.84 -17.40
N THR A 398 6.49 -8.13 -17.33
CA THR A 398 6.29 -8.93 -16.14
C THR A 398 7.54 -9.76 -15.90
N VAL A 399 7.84 -10.06 -14.62
CA VAL A 399 8.98 -10.94 -14.35
C VAL A 399 8.66 -12.37 -14.77
N GLN A 400 7.39 -12.78 -14.70
CA GLN A 400 6.99 -14.15 -14.98
C GLN A 400 6.27 -14.23 -16.31
N PRO A 401 6.32 -15.38 -16.98
CA PRO A 401 5.52 -15.56 -18.20
C PRO A 401 4.03 -15.47 -17.89
N ILE A 402 3.25 -15.02 -18.87
CA ILE A 402 1.80 -14.90 -18.71
C ILE A 402 1.13 -16.03 -19.49
N ASP A 403 0.58 -17.00 -18.76
CA ASP A 403 -0.14 -18.11 -19.39
C ASP A 403 -1.57 -17.78 -19.77
N GLY A 404 -2.21 -16.83 -19.08
CA GLY A 404 -3.57 -16.46 -19.43
C GLY A 404 -3.66 -15.93 -20.86
N ILE A 405 -4.83 -16.14 -21.47
CA ILE A 405 -5.13 -15.64 -22.81
C ILE A 405 -6.34 -14.73 -22.69
N SER A 406 -6.22 -13.51 -23.19
CA SER A 406 -7.32 -12.55 -23.10
C SER A 406 -8.61 -13.14 -23.69
N PHE A 407 -9.72 -12.97 -22.97
CA PHE A 407 -11.02 -13.36 -23.48
C PHE A 407 -11.81 -12.15 -23.95
N ILE A 408 -11.16 -10.99 -24.09
CA ILE A 408 -11.80 -9.80 -24.66
C ILE A 408 -12.38 -10.14 -26.04
N PRO A 409 -11.73 -10.97 -26.86
CA PRO A 409 -12.39 -11.37 -28.13
C PRO A 409 -13.69 -12.12 -27.94
N LEU A 410 -13.89 -12.80 -26.81
CA LEU A 410 -15.21 -13.37 -26.56
C LEU A 410 -16.19 -12.29 -26.14
N LEU A 411 -15.74 -11.30 -25.37
CA LEU A 411 -16.64 -10.24 -24.93
C LEU A 411 -17.13 -9.41 -26.11
N LYS A 412 -16.30 -9.23 -27.14
CA LYS A 412 -16.63 -8.40 -28.28
C LYS A 412 -17.03 -9.20 -29.52
N GLN A 413 -17.06 -10.54 -29.43
CA GLN A 413 -17.36 -11.42 -30.57
C GLN A 413 -16.50 -11.08 -31.79
N THR A 414 -15.20 -10.92 -31.56
CA THR A 414 -14.23 -10.74 -32.61
C THR A 414 -13.39 -11.97 -32.89
N GLY A 415 -13.27 -12.88 -31.92
CA GLY A 415 -12.42 -14.03 -32.12
C GLY A 415 -12.72 -15.11 -31.12
N ASP A 416 -11.87 -16.13 -31.10
CA ASP A 416 -12.09 -17.32 -30.28
C ASP A 416 -10.76 -17.83 -29.75
N PRO A 417 -10.29 -17.29 -28.63
CA PRO A 417 -9.09 -17.89 -27.97
C PRO A 417 -9.29 -19.35 -27.60
N SER A 418 -10.51 -19.86 -27.59
CA SER A 418 -10.78 -21.23 -27.18
C SER A 418 -10.43 -22.26 -28.25
N LYS A 419 -10.48 -21.86 -29.53
CA LYS A 419 -10.27 -22.80 -30.63
C LYS A 419 -8.86 -23.39 -30.59
N GLY A 420 -8.79 -24.72 -30.57
CA GLY A 420 -7.54 -25.42 -30.45
C GLY A 420 -6.85 -25.35 -29.10
N ARG A 421 -7.36 -24.57 -28.14
CA ARG A 421 -6.62 -24.31 -26.91
C ARG A 421 -6.76 -25.45 -25.91
N SER A 422 -5.63 -25.89 -25.36
CA SER A 422 -5.62 -26.81 -24.23
C SER A 422 -5.74 -26.04 -22.91
N LEU A 423 -6.56 -26.54 -21.99
CA LEU A 423 -6.59 -26.06 -20.61
C LEU A 423 -5.92 -27.08 -19.70
N TYR A 424 -5.21 -26.61 -18.67
CA TYR A 424 -4.46 -27.52 -17.81
C TYR A 424 -4.70 -27.28 -16.32
N TRP A 425 -4.82 -28.37 -15.57
CA TRP A 425 -4.79 -28.35 -14.11
C TRP A 425 -3.73 -29.32 -13.60
N ASN A 426 -3.11 -28.96 -12.49
CA ASN A 426 -2.19 -29.86 -11.80
C ASN A 426 -2.43 -29.77 -10.30
N PHE A 427 -2.75 -30.90 -9.68
CA PHE A 427 -2.93 -31.00 -8.23
C PHE A 427 -2.07 -32.16 -7.71
N PRO A 428 -0.78 -31.98 -7.62
CA PRO A 428 0.10 -33.01 -7.05
C PRO A 428 0.15 -32.92 -5.52
N ASN A 429 -1.03 -32.97 -4.90
CA ASN A 429 -1.18 -32.65 -3.49
C ASN A 429 -2.19 -33.59 -2.85
N HIS A 430 -2.40 -33.44 -1.54
CA HIS A 430 -3.37 -34.25 -0.82
C HIS A 430 -4.31 -33.32 -0.05
N TRP A 431 -5.51 -33.10 -0.60
CA TRP A 431 -6.55 -32.33 0.06
C TRP A 431 -7.13 -33.14 1.22
N GLY A 432 -7.95 -32.46 2.02
CA GLY A 432 -8.34 -33.04 3.30
C GLY A 432 -9.39 -34.12 3.22
N ASN A 433 -10.11 -34.22 2.10
CA ASN A 433 -11.23 -35.15 1.96
C ASN A 433 -11.05 -36.05 0.74
N ASP A 434 -11.73 -37.19 0.76
CA ASP A 434 -11.85 -38.04 -0.41
C ASP A 434 -13.21 -37.83 -1.09
N GLY A 435 -13.26 -38.14 -2.39
CA GLY A 435 -14.48 -38.08 -3.14
C GLY A 435 -14.20 -38.22 -4.64
N PRO A 436 -15.24 -38.24 -5.45
CA PRO A 436 -15.02 -38.45 -6.89
C PRO A 436 -14.16 -37.35 -7.51
N GLY A 437 -13.09 -37.77 -8.20
CA GLY A 437 -12.19 -36.82 -8.80
C GLY A 437 -11.23 -36.15 -7.84
N ILE A 438 -11.33 -36.41 -6.55
CA ILE A 438 -10.45 -35.81 -5.56
C ILE A 438 -9.24 -36.72 -5.34
N GLY A 439 -8.06 -36.09 -5.23
CA GLY A 439 -6.81 -36.80 -5.07
C GLY A 439 -5.76 -36.15 -5.96
N PRO A 440 -4.52 -36.67 -5.91
CA PRO A 440 -3.45 -36.12 -6.78
C PRO A 440 -3.73 -36.41 -8.25
N THR A 441 -3.91 -35.34 -9.04
CA THR A 441 -4.27 -35.47 -10.44
C THR A 441 -3.62 -34.36 -11.25
N CYS A 442 -3.50 -34.59 -12.55
CA CYS A 442 -3.44 -33.50 -13.51
C CYS A 442 -4.49 -33.75 -14.58
N THR A 443 -4.91 -32.67 -15.21
CA THR A 443 -6.03 -32.69 -16.14
C THR A 443 -5.70 -31.82 -17.33
N VAL A 444 -6.05 -32.29 -18.53
CA VAL A 444 -6.11 -31.43 -19.70
C VAL A 444 -7.52 -31.47 -20.31
N ARG A 445 -8.02 -30.30 -20.69
CA ARG A 445 -9.24 -30.15 -21.48
C ARG A 445 -8.86 -29.55 -22.82
N LYS A 446 -9.43 -30.11 -23.90
CA LYS A 446 -9.11 -29.63 -25.24
C LYS A 446 -10.26 -30.01 -26.14
N GLY A 447 -10.95 -29.01 -26.69
CA GLY A 447 -12.14 -29.32 -27.47
C GLY A 447 -13.20 -29.95 -26.59
N ASP A 448 -13.78 -31.03 -27.07
CA ASP A 448 -14.84 -31.72 -26.34
C ASP A 448 -14.29 -32.67 -25.30
N TRP A 449 -12.98 -32.81 -25.21
CA TRP A 449 -12.37 -33.94 -24.52
C TRP A 449 -11.62 -33.46 -23.29
N LYS A 450 -11.79 -34.20 -22.20
CA LYS A 450 -11.16 -33.91 -20.93
C LYS A 450 -10.48 -35.18 -20.46
N LEU A 451 -9.18 -35.09 -20.15
CA LEU A 451 -8.42 -36.23 -19.66
C LEU A 451 -7.93 -35.95 -18.25
N ILE A 452 -8.30 -36.81 -17.31
CA ILE A 452 -7.83 -36.75 -15.93
C ILE A 452 -6.91 -37.93 -15.68
N TYR A 453 -5.73 -37.65 -15.16
CA TYR A 453 -4.75 -38.66 -14.82
C TYR A 453 -4.54 -38.67 -13.31
N TYR A 454 -4.53 -39.85 -12.71
CA TYR A 454 -4.46 -40.00 -11.26
C TYR A 454 -3.07 -40.48 -10.90
N TYR A 455 -2.31 -39.62 -10.20
CA TYR A 455 -0.95 -39.95 -9.79
C TYR A 455 -0.90 -41.20 -8.93
N GLU A 456 -1.95 -41.43 -8.13
CA GLU A 456 -1.84 -42.46 -7.09
C GLU A 456 -1.77 -43.86 -7.67
N ASN A 457 -2.45 -44.12 -8.80
CA ASN A 457 -2.39 -45.45 -9.39
C ASN A 457 -2.33 -45.42 -10.92
N GLY A 458 -2.09 -44.27 -11.55
CA GLY A 458 -1.99 -44.18 -12.99
C GLY A 458 -3.31 -44.32 -13.74
N LYS A 459 -4.43 -44.33 -13.03
CA LYS A 459 -5.73 -44.42 -13.69
C LYS A 459 -5.95 -43.20 -14.57
N LYS A 460 -6.55 -43.42 -15.75
CA LYS A 460 -6.91 -42.33 -16.65
C LYS A 460 -8.41 -42.37 -16.93
N GLU A 461 -9.04 -41.19 -16.99
CA GLU A 461 -10.45 -41.04 -17.32
C GLU A 461 -10.59 -40.03 -18.45
N LEU A 462 -11.39 -40.38 -19.46
CA LEU A 462 -11.60 -39.53 -20.62
C LEU A 462 -13.09 -39.26 -20.72
N PHE A 463 -13.47 -37.99 -20.73
CA PHE A 463 -14.88 -37.62 -20.82
C PHE A 463 -15.11 -36.68 -21.99
N ASN A 464 -16.22 -36.88 -22.66
CA ASN A 464 -16.74 -35.92 -23.63
C ASN A 464 -17.66 -34.97 -22.86
N ILE A 465 -17.12 -33.80 -22.48
CA ILE A 465 -17.86 -32.90 -21.61
C ILE A 465 -19.18 -32.45 -22.24
N PRO A 466 -19.24 -31.98 -23.49
CA PRO A 466 -20.53 -31.54 -24.03
C PRO A 466 -21.56 -32.67 -24.14
N GLN A 467 -21.11 -33.93 -24.24
CA GLN A 467 -22.03 -35.06 -24.24
C GLN A 467 -22.28 -35.65 -22.86
N ASP A 468 -21.43 -35.37 -21.88
CA ASP A 468 -21.49 -36.04 -20.60
C ASP A 468 -21.15 -35.05 -19.49
N ILE A 469 -22.06 -34.10 -19.24
CA ILE A 469 -21.73 -33.01 -18.34
C ILE A 469 -21.49 -33.52 -16.93
N GLY A 470 -22.12 -34.63 -16.55
CA GLY A 470 -21.97 -35.22 -15.24
C GLY A 470 -20.75 -36.10 -15.08
N GLU A 471 -19.96 -36.24 -16.15
CA GLU A 471 -18.77 -37.10 -16.15
C GLU A 471 -19.09 -38.49 -15.59
N LYS A 472 -20.14 -39.10 -16.15
CA LYS A 472 -20.60 -40.43 -15.75
C LYS A 472 -20.00 -41.55 -16.57
N ASN A 473 -19.45 -41.26 -17.76
CA ASN A 473 -19.05 -42.28 -18.73
C ASN A 473 -17.59 -42.11 -19.18
N ASN A 474 -16.68 -42.82 -18.51
CA ASN A 474 -15.28 -42.85 -18.90
C ASN A 474 -15.14 -43.55 -20.26
N LEU A 475 -14.64 -42.82 -21.26
CA LEU A 475 -14.52 -43.32 -22.63
C LEU A 475 -13.07 -43.60 -23.01
N ALA A 476 -12.18 -43.78 -22.03
CA ALA A 476 -10.78 -44.07 -22.32
C ALA A 476 -10.63 -45.31 -23.20
N ALA A 477 -11.30 -46.41 -22.81
CA ALA A 477 -11.21 -47.65 -23.57
C ALA A 477 -11.68 -47.47 -25.01
N GLN A 478 -12.71 -46.64 -25.20
CA GLN A 478 -13.29 -46.41 -26.52
C GLN A 478 -12.41 -45.55 -27.42
N HIS A 479 -11.45 -44.81 -26.87
CA HIS A 479 -10.65 -43.85 -27.65
C HIS A 479 -9.20 -43.87 -27.20
N PRO A 480 -8.52 -45.00 -27.38
CA PRO A 480 -7.11 -45.06 -26.97
C PRO A 480 -6.24 -44.06 -27.71
N ASP A 481 -6.56 -43.80 -28.98
CA ASP A 481 -5.92 -42.75 -29.75
C ASP A 481 -5.91 -41.43 -28.97
N ILE A 482 -7.07 -41.03 -28.43
CA ILE A 482 -7.20 -39.76 -27.75
C ILE A 482 -6.37 -39.74 -26.47
N VAL A 483 -6.55 -40.78 -25.64
CA VAL A 483 -5.89 -40.85 -24.34
C VAL A 483 -4.39 -40.62 -24.49
N LYS A 484 -3.79 -41.23 -25.50
CA LYS A 484 -2.35 -41.09 -25.68
C LYS A 484 -1.98 -39.67 -26.09
N HIS A 485 -2.69 -39.10 -27.06
CA HIS A 485 -2.35 -37.76 -27.52
C HIS A 485 -2.53 -36.73 -26.40
N LEU A 486 -3.67 -36.80 -25.70
CA LEU A 486 -3.88 -35.90 -24.58
C LEU A 486 -2.93 -36.20 -23.43
N SER A 487 -2.56 -37.46 -23.22
CA SER A 487 -1.49 -37.77 -22.28
C SER A 487 -0.22 -37.04 -22.63
N LYS A 488 0.19 -37.09 -23.89
CA LYS A 488 1.41 -36.42 -24.30
C LYS A 488 1.26 -34.91 -24.21
N ASP A 489 0.09 -34.40 -24.62
CA ASP A 489 -0.21 -32.97 -24.49
C ASP A 489 0.03 -32.52 -23.06
N LEU A 490 -0.57 -33.22 -22.09
CA LEU A 490 -0.44 -32.87 -20.68
C LEU A 490 1.02 -32.99 -20.23
N GLY A 491 1.64 -34.15 -20.47
CA GLY A 491 2.99 -34.37 -19.99
C GLY A 491 3.96 -33.31 -20.48
N ASN A 492 3.89 -32.98 -21.78
CA ASN A 492 4.79 -31.98 -22.33
C ASN A 492 4.61 -30.65 -21.64
N TYR A 493 3.36 -30.22 -21.45
CA TYR A 493 3.07 -28.95 -20.83
C TYR A 493 3.56 -28.90 -19.38
N LEU A 494 3.25 -29.93 -18.59
CA LEU A 494 3.70 -29.95 -17.20
C LEU A 494 5.20 -29.78 -17.13
N ARG A 495 5.93 -30.57 -17.92
CA ARG A 495 7.39 -30.46 -17.88
C ARG A 495 7.84 -29.10 -18.40
N LYS A 496 7.16 -28.59 -19.43
CA LYS A 496 7.55 -27.32 -20.03
C LYS A 496 7.51 -26.17 -19.02
N VAL A 497 6.44 -26.08 -18.22
CA VAL A 497 6.28 -24.94 -17.32
C VAL A 497 6.93 -25.25 -15.97
N GLY A 498 7.62 -26.37 -15.87
CA GLY A 498 8.21 -26.76 -14.60
C GLY A 498 7.22 -27.24 -13.56
N GLY A 499 6.12 -27.84 -13.99
CA GLY A 499 5.15 -28.39 -13.06
C GLY A 499 5.74 -29.53 -12.25
N GLN A 500 4.99 -29.95 -11.24
CA GLN A 500 5.49 -30.89 -10.27
C GLN A 500 4.58 -32.10 -10.14
N ARG A 501 5.03 -33.07 -9.37
CA ARG A 501 4.37 -34.36 -9.32
C ARG A 501 4.68 -34.97 -7.97
N PRO A 502 3.82 -35.84 -7.45
CA PRO A 502 4.13 -36.58 -6.24
C PRO A 502 5.14 -37.67 -6.54
N SER A 503 5.68 -38.25 -5.47
CA SER A 503 6.55 -39.41 -5.59
C SER A 503 6.03 -40.53 -4.67
N PHE A 504 6.38 -41.76 -5.01
CA PHE A 504 5.91 -42.90 -4.24
C PHE A 504 6.82 -43.18 -3.04
N LYS A 505 6.21 -43.56 -1.92
CA LYS A 505 6.99 -43.83 -0.72
C LYS A 505 7.69 -45.20 -0.79
N ALA A 506 7.07 -46.19 -1.43
CA ALA A 506 7.68 -47.50 -1.65
C ALA A 506 9.04 -47.34 -2.33
N THR A 507 9.01 -46.97 -3.61
CA THR A 507 10.23 -46.86 -4.39
C THR A 507 11.06 -45.62 -4.03
N GLY A 508 10.41 -44.52 -3.67
CA GLY A 508 11.07 -43.23 -3.62
C GLY A 508 11.10 -42.48 -4.94
N LYS A 509 10.68 -43.12 -6.03
CA LYS A 509 10.73 -42.58 -7.37
C LYS A 509 9.49 -41.72 -7.67
N PRO A 510 9.62 -40.67 -8.47
CA PRO A 510 8.44 -39.87 -8.82
C PRO A 510 7.34 -40.73 -9.44
N CYS A 511 6.08 -40.30 -9.23
CA CYS A 511 4.97 -40.91 -9.97
C CYS A 511 5.12 -40.66 -11.47
N PRO A 512 4.83 -41.65 -12.31
CA PRO A 512 4.93 -41.42 -13.76
C PRO A 512 4.09 -40.24 -14.21
N TRP A 513 4.66 -39.43 -15.09
CA TRP A 513 3.89 -38.45 -15.84
C TRP A 513 2.78 -39.19 -16.59
N PRO A 514 1.71 -38.51 -17.02
CA PRO A 514 0.66 -39.23 -17.77
C PRO A 514 1.16 -39.95 -19.01
N ASP A 515 2.16 -39.37 -19.70
CA ASP A 515 2.69 -39.96 -20.91
C ASP A 515 3.84 -40.93 -20.67
N GLU A 516 4.03 -41.37 -19.42
CA GLU A 516 4.93 -42.48 -19.11
C GLU A 516 4.16 -43.72 -18.64
N ILE A 517 2.90 -43.85 -19.01
CA ILE A 517 2.05 -44.94 -18.56
C ILE A 517 1.32 -45.53 -19.75
N ARG B 33 22.79 -5.53 1.06
CA ARG B 33 22.04 -4.26 0.97
C ARG B 33 21.49 -3.83 2.31
N PRO B 34 21.86 -2.63 2.74
CA PRO B 34 21.49 -2.19 4.09
C PRO B 34 20.02 -1.84 4.22
N ASN B 35 19.51 -2.05 5.42
CA ASN B 35 18.28 -1.39 5.82
C ASN B 35 18.53 0.10 5.95
N ILE B 36 17.48 0.89 5.79
CA ILE B 36 17.59 2.33 5.90
C ILE B 36 16.49 2.84 6.82
N ILE B 37 16.86 3.65 7.81
CA ILE B 37 15.93 4.32 8.69
C ILE B 37 16.16 5.81 8.55
N LEU B 38 15.11 6.53 8.17
CA LEU B 38 15.12 7.99 8.11
C LEU B 38 14.25 8.49 9.26
N PHE B 39 14.90 9.04 10.29
CA PHE B 39 14.27 9.50 11.53
C PHE B 39 14.11 11.01 11.39
N MET B 40 12.89 11.45 11.14
CA MET B 40 12.59 12.83 10.77
C MET B 40 11.75 13.47 11.87
N VAL B 41 12.33 14.41 12.57
CA VAL B 41 11.59 15.16 13.59
C VAL B 41 10.95 16.37 12.93
N ASP B 42 9.83 16.80 13.49
CA ASP B 42 9.07 17.92 12.95
C ASP B 42 9.38 19.20 13.72
N ASP B 43 9.75 20.25 13.00
CA ASP B 43 9.93 21.58 13.57
C ASP B 43 11.02 21.62 14.64
N MET B 44 12.03 20.76 14.50
CA MET B 44 13.14 20.72 15.44
C MET B 44 14.27 21.61 14.93
N GLY B 45 14.63 22.62 15.74
CA GLY B 45 15.67 23.54 15.36
C GLY B 45 17.08 23.01 15.58
N TRP B 46 18.04 23.79 15.07
CA TRP B 46 19.45 23.45 15.09
C TRP B 46 20.01 23.29 16.50
N GLN B 47 19.35 23.86 17.51
CA GLN B 47 19.84 23.84 18.87
C GLN B 47 18.89 23.18 19.84
N ASP B 48 17.82 22.52 19.33
CA ASP B 48 16.87 21.79 20.18
C ASP B 48 17.41 20.39 20.47
N THR B 49 18.56 20.38 21.12
CA THR B 49 19.26 19.13 21.39
C THR B 49 20.38 19.45 22.38
N SER B 50 20.87 18.40 23.04
CA SER B 50 22.06 18.56 23.86
C SER B 50 23.34 18.44 23.06
N LEU B 51 23.27 17.89 21.85
CA LEU B 51 24.40 17.73 20.95
C LEU B 51 24.76 19.06 20.28
N PRO B 52 25.91 19.64 20.60
CA PRO B 52 26.30 20.94 20.03
C PRO B 52 26.62 20.82 18.55
N PHE B 53 25.86 21.53 17.71
CA PHE B 53 26.13 21.61 16.29
C PHE B 53 26.94 22.84 15.91
N TRP B 54 26.98 23.84 16.79
CA TRP B 54 27.78 25.04 16.61
C TRP B 54 29.21 24.73 17.04
N THR B 55 30.03 25.77 17.19
CA THR B 55 31.40 25.62 17.64
C THR B 55 31.56 25.70 19.16
N GLN B 56 30.48 25.99 19.90
CA GLN B 56 30.51 25.80 21.35
C GLN B 56 29.12 25.38 21.80
N LYS B 57 29.02 24.93 23.05
CA LYS B 57 27.73 24.62 23.63
C LYS B 57 26.94 25.90 23.87
N THR B 58 25.66 25.88 23.51
CA THR B 58 24.77 27.02 23.76
C THR B 58 23.95 26.79 25.02
N HIS B 59 23.37 27.87 25.51
CA HIS B 59 22.39 27.81 26.58
C HIS B 59 21.36 26.70 26.33
N TYR B 60 20.93 26.53 25.07
CA TYR B 60 19.95 25.48 24.79
C TYR B 60 20.57 24.10 24.88
N ASN B 61 21.81 23.92 24.41
CA ASN B 61 22.48 22.62 24.55
C ASN B 61 22.60 22.20 26.02
N GLU B 62 22.72 23.17 26.94
CA GLU B 62 22.90 22.84 28.35
C GLU B 62 21.62 22.36 29.03
N VAL B 63 20.43 22.75 28.56
CA VAL B 63 19.23 22.42 29.32
C VAL B 63 18.47 21.24 28.71
N TYR B 64 18.55 21.05 27.40
CA TYR B 64 17.88 19.92 26.75
C TYR B 64 18.64 18.61 27.01
N GLU B 65 17.96 17.49 26.81
CA GLU B 65 18.58 16.19 27.10
C GLU B 65 18.29 15.23 25.96
N THR B 66 19.28 15.00 25.08
CA THR B 66 19.16 14.05 23.97
C THR B 66 20.38 13.13 23.97
N PRO B 67 20.48 12.23 24.93
CA PRO B 67 21.67 11.36 24.99
C PRO B 67 21.79 10.43 23.78
N ASN B 68 20.64 9.98 23.25
CA ASN B 68 20.67 9.08 22.10
C ASN B 68 21.14 9.77 20.82
N MET B 69 20.86 11.07 20.65
CA MET B 69 21.48 11.78 19.53
C MET B 69 23.00 11.84 19.69
N GLU B 70 23.47 12.09 20.92
CA GLU B 70 24.91 12.10 21.16
C GLU B 70 25.52 10.74 20.84
N ARG B 71 24.90 9.67 21.34
CA ARG B 71 25.42 8.31 21.09
C ARG B 71 25.43 7.99 19.61
N LEU B 72 24.35 8.31 18.90
CA LEU B 72 24.32 8.14 17.46
C LEU B 72 25.42 8.93 16.79
N ALA B 73 25.75 10.11 17.32
CA ALA B 73 26.79 10.93 16.71
C ALA B 73 28.17 10.33 16.94
N LYS B 74 28.41 9.75 18.13
CA LYS B 74 29.69 9.10 18.38
C LYS B 74 29.95 7.99 17.36
N GLN B 75 28.89 7.41 16.81
CA GLN B 75 28.99 6.31 15.86
C GLN B 75 28.91 6.73 14.40
N GLY B 76 28.78 8.02 14.11
CA GLY B 76 28.60 8.48 12.75
C GLY B 76 29.15 9.87 12.51
N VAL B 77 28.54 10.57 11.56
CA VAL B 77 28.93 11.93 11.18
C VAL B 77 27.74 12.85 11.39
N MET B 78 28.01 14.04 11.93
CA MET B 78 26.98 15.06 12.00
C MET B 78 27.25 16.16 10.99
N PHE B 79 26.19 16.64 10.33
CA PHE B 79 26.26 17.71 9.34
C PHE B 79 25.83 19.01 9.99
N THR B 80 26.77 19.95 10.11
CA THR B 80 26.58 21.20 10.84
C THR B 80 26.02 22.32 9.98
N GLN B 81 25.80 22.07 8.68
CA GLN B 81 25.26 23.06 7.77
C GLN B 81 24.28 22.39 6.80
N ALA B 82 23.34 21.62 7.34
CA ALA B 82 22.35 20.92 6.52
C ALA B 82 21.04 21.72 6.43
N TYR B 83 20.43 21.74 5.23
CA TYR B 83 19.31 22.66 4.95
C TYR B 83 18.00 21.99 4.52
N ALA B 84 16.89 22.61 4.93
CA ALA B 84 15.54 22.30 4.51
C ALA B 84 14.89 23.60 4.06
N SER B 85 13.62 23.56 3.64
CA SER B 85 12.84 24.80 3.58
C SER B 85 12.33 25.15 4.97
N SER B 86 11.71 26.33 5.06
CA SER B 86 11.28 26.86 6.35
C SER B 86 9.93 26.32 6.84
N ILE B 87 9.26 25.45 6.07
CA ILE B 87 7.90 24.99 6.36
C ILE B 87 7.82 23.50 6.03
N CYS B 88 6.96 22.78 6.76
CA CYS B 88 6.83 21.32 6.60
C CYS B 88 6.66 20.91 5.13
N SER B 89 5.59 21.38 4.50
CA SER B 89 5.22 20.85 3.19
C SER B 89 6.32 20.96 2.14
N PRO B 90 6.95 22.12 1.89
CA PRO B 90 8.00 22.15 0.85
C PRO B 90 9.15 21.23 1.16
N THR B 91 9.50 21.06 2.43
CA THR B 91 10.62 20.18 2.75
C THR B 91 10.26 18.72 2.51
N ARG B 92 9.08 18.30 2.96
CA ARG B 92 8.77 16.88 2.87
C ARG B 92 8.43 16.49 1.44
N CYS B 93 7.86 17.41 0.64
CA CYS B 93 7.63 17.09 -0.77
C CYS B 93 8.92 17.02 -1.55
N SER B 94 9.89 17.87 -1.19
CA SER B 94 11.22 17.75 -1.80
C SER B 94 11.90 16.45 -1.40
N LEU B 95 11.73 16.02 -0.14
CA LEU B 95 12.33 14.75 0.27
C LEU B 95 11.83 13.60 -0.61
N ILE B 96 10.51 13.48 -0.73
CA ILE B 96 9.88 12.30 -1.31
C ILE B 96 9.88 12.31 -2.84
N THR B 97 10.11 13.46 -3.48
CA THR B 97 10.20 13.56 -4.92
C THR B 97 11.59 13.93 -5.43
N GLY B 98 12.47 14.45 -4.57
CA GLY B 98 13.78 14.86 -5.03
C GLY B 98 13.83 16.12 -5.88
N THR B 99 12.79 16.97 -5.82
CA THR B 99 12.78 18.21 -6.56
C THR B 99 13.01 19.38 -5.61
N ASN B 100 13.54 20.47 -6.16
CA ASN B 100 13.61 21.69 -5.37
C ASN B 100 12.20 22.23 -5.16
N ALA B 101 12.00 22.91 -4.03
CA ALA B 101 10.65 23.42 -3.72
C ALA B 101 10.16 24.42 -4.75
N ALA B 102 11.06 25.22 -5.35
CA ALA B 102 10.57 26.14 -6.38
C ALA B 102 9.94 25.39 -7.53
N ARG B 103 10.43 24.20 -7.84
CA ARG B 103 9.89 23.46 -8.98
C ARG B 103 8.59 22.75 -8.65
N HIS B 104 8.46 22.12 -7.47
CA HIS B 104 7.23 21.36 -7.23
C HIS B 104 6.08 22.23 -6.72
N ARG B 105 6.35 23.47 -6.32
CA ARG B 105 5.35 24.49 -6.03
C ARG B 105 4.47 24.16 -4.84
N VAL B 106 4.88 23.21 -3.99
CA VAL B 106 4.16 22.98 -2.75
C VAL B 106 4.89 23.79 -1.69
N THR B 107 4.76 25.10 -1.73
CA THR B 107 5.70 25.97 -1.05
C THR B 107 5.19 26.48 0.30
N ASN B 108 3.93 26.21 0.64
CA ASN B 108 3.37 26.48 1.96
C ASN B 108 2.63 25.22 2.41
N TRP B 109 2.19 25.19 3.67
CA TRP B 109 1.62 23.95 4.22
C TRP B 109 0.27 23.64 3.60
N THR B 110 0.00 22.35 3.41
CA THR B 110 -1.21 21.85 2.79
C THR B 110 -2.10 21.16 3.80
N TYR B 111 -3.40 21.19 3.53
CA TYR B 111 -4.40 20.25 4.04
C TYR B 111 -5.71 20.40 3.27
N PRO B 112 -6.42 21.55 3.32
CA PRO B 112 -7.71 21.65 2.65
C PRO B 112 -7.58 21.46 1.14
N LYS B 113 -8.49 20.68 0.57
CA LYS B 113 -8.42 20.36 -0.85
C LYS B 113 -8.85 21.56 -1.68
N GLY B 114 -8.02 21.92 -2.66
CA GLY B 114 -8.30 23.02 -3.55
C GLY B 114 -8.29 24.39 -2.92
N GLN B 115 -7.70 24.56 -1.74
CA GLN B 115 -7.72 25.83 -1.03
C GLN B 115 -6.32 26.22 -0.57
N GLN B 116 -6.03 27.52 -0.63
CA GLN B 116 -4.78 28.06 -0.11
C GLN B 116 -4.91 28.31 1.38
N THR B 117 -3.94 27.80 2.15
CA THR B 117 -3.85 28.05 3.60
C THR B 117 -3.22 29.40 3.94
N ASP B 118 -2.69 30.12 2.95
CA ASP B 118 -1.91 31.33 3.19
C ASP B 118 -2.67 32.36 4.01
N ARG B 119 -1.95 33.09 4.85
CA ARG B 119 -2.57 34.17 5.59
C ARG B 119 -2.92 35.30 4.63
N PRO B 120 -4.07 35.97 4.80
CA PRO B 120 -4.39 37.09 3.90
C PRO B 120 -3.33 38.18 3.96
N SER B 121 -3.23 38.94 2.87
CA SER B 121 -2.34 40.08 2.83
C SER B 121 -3.09 41.25 2.20
N ASP B 122 -2.85 42.45 2.73
CA ASP B 122 -3.45 43.64 2.13
C ASP B 122 -2.65 44.18 0.95
N VAL B 123 -1.56 43.50 0.58
CA VAL B 123 -0.59 44.02 -0.37
C VAL B 123 -0.43 43.11 -1.58
N PHE B 124 -0.30 41.80 -1.36
CA PHE B 124 -0.02 40.86 -2.43
C PHE B 124 -0.96 39.66 -2.43
N ASN B 125 -1.11 39.07 -3.62
CA ASN B 125 -1.65 37.73 -3.78
C ASN B 125 -0.51 36.72 -3.80
N VAL B 126 -0.66 35.63 -3.07
CA VAL B 126 0.35 34.59 -3.12
C VAL B 126 0.32 33.92 -4.50
N ALA B 127 1.35 33.13 -4.79
CA ALA B 127 1.42 32.40 -6.04
C ALA B 127 0.27 31.40 -6.13
N ASP B 128 -0.05 31.00 -7.36
CA ASP B 128 -1.06 29.96 -7.61
C ASP B 128 -0.40 28.59 -7.44
N TRP B 129 0.00 28.33 -6.20
CA TRP B 129 0.90 27.21 -5.95
C TRP B 129 0.12 25.89 -5.84
N ASN B 130 0.85 24.79 -5.67
CA ASN B 130 0.24 23.46 -5.67
C ASN B 130 -0.27 23.14 -4.27
N VAL B 131 -1.47 23.67 -3.98
CA VAL B 131 -2.09 23.52 -2.67
C VAL B 131 -2.42 22.07 -2.31
N ASN B 132 -2.48 21.15 -3.27
CA ASN B 132 -2.81 19.76 -3.00
C ASN B 132 -1.60 18.85 -2.90
N GLY B 133 -0.37 19.38 -3.01
CA GLY B 133 0.81 18.59 -2.73
C GLY B 133 1.35 17.73 -3.87
N VAL B 134 1.87 16.55 -3.55
CA VAL B 134 2.42 15.66 -4.56
C VAL B 134 1.59 14.38 -4.61
N CYS B 135 1.71 13.67 -5.73
CA CYS B 135 1.17 12.33 -5.88
C CYS B 135 1.91 11.69 -7.04
N GLN B 136 1.61 10.42 -7.32
CA GLN B 136 2.26 9.71 -8.40
C GLN B 136 1.42 9.66 -9.68
N VAL B 137 0.21 10.22 -9.68
CA VAL B 137 -0.67 10.07 -10.84
C VAL B 137 -0.83 11.40 -11.56
N PRO B 138 -1.18 11.39 -12.84
CA PRO B 138 -1.40 12.65 -13.57
C PRO B 138 -2.81 13.17 -13.38
N ASN B 139 -2.97 14.46 -13.71
CA ASN B 139 -4.27 15.12 -13.83
C ASN B 139 -4.97 15.26 -12.49
N ILE B 140 -4.21 15.31 -11.40
CA ILE B 140 -4.75 15.69 -10.10
C ILE B 140 -4.54 17.19 -9.93
N ASP B 141 -5.63 17.92 -9.86
CA ASP B 141 -5.59 19.38 -9.88
C ASP B 141 -4.68 19.95 -8.79
N HIS B 142 -3.84 20.92 -9.20
CA HIS B 142 -2.94 21.63 -8.29
C HIS B 142 -2.05 20.67 -7.50
N THR B 143 -1.48 19.70 -8.21
CA THR B 143 -0.47 18.81 -7.65
C THR B 143 0.75 18.79 -8.56
N PHE B 144 1.86 18.29 -8.00
CA PHE B 144 3.07 17.97 -8.75
C PHE B 144 3.18 16.46 -8.84
N GLN B 145 3.13 15.93 -10.06
CA GLN B 145 3.25 14.49 -10.28
C GLN B 145 4.70 14.08 -10.17
N ALA B 146 4.98 13.04 -9.39
CA ALA B 146 6.37 12.65 -9.16
C ALA B 146 6.49 11.17 -8.84
N THR B 147 7.61 10.60 -9.21
CA THR B 147 7.94 9.23 -8.85
C THR B 147 8.44 9.20 -7.40
N SER B 148 7.69 8.53 -6.53
CA SER B 148 7.95 8.61 -5.10
C SER B 148 9.22 7.86 -4.73
N LEU B 149 10.01 8.44 -3.83
CA LEU B 149 11.18 7.78 -3.30
C LEU B 149 10.85 6.39 -2.75
N ALA B 150 9.71 6.28 -2.06
CA ALA B 150 9.36 5.00 -1.47
C ALA B 150 8.97 4.00 -2.54
N GLU B 151 8.33 4.47 -3.62
CA GLU B 151 7.94 3.57 -4.70
C GLU B 151 9.16 2.93 -5.34
N ILE B 152 10.18 3.74 -5.63
CA ILE B 152 11.40 3.22 -6.23
C ILE B 152 12.09 2.24 -5.29
N LEU B 153 12.12 2.55 -3.98
CA LEU B 153 12.69 1.62 -3.02
C LEU B 153 11.90 0.32 -2.98
N LYS B 154 10.56 0.43 -2.98
CA LYS B 154 9.70 -0.76 -2.97
C LYS B 154 9.87 -1.59 -4.23
N ASP B 155 9.79 -0.94 -5.40
CA ASP B 155 9.88 -1.67 -6.65
C ASP B 155 11.25 -2.30 -6.83
N ASN B 156 12.25 -1.90 -6.05
CA ASN B 156 13.56 -2.53 -6.09
C ASN B 156 13.76 -3.58 -5.00
N GLY B 157 12.69 -3.93 -4.27
CA GLY B 157 12.71 -5.02 -3.33
C GLY B 157 12.79 -4.64 -1.85
N TYR B 158 12.78 -3.35 -1.52
CA TYR B 158 12.72 -2.94 -0.13
C TYR B 158 11.30 -3.07 0.41
N HIS B 159 11.19 -3.55 1.65
CA HIS B 159 9.96 -3.46 2.43
C HIS B 159 9.87 -2.05 3.05
N THR B 160 8.81 -1.31 2.72
CA THR B 160 8.74 0.12 3.04
C THR B 160 7.68 0.39 4.10
N ILE B 161 8.10 1.06 5.17
CA ILE B 161 7.27 1.33 6.34
C ILE B 161 7.21 2.83 6.56
N HIS B 162 6.01 3.39 6.60
CA HIS B 162 5.82 4.76 7.06
C HIS B 162 5.20 4.78 8.45
N CYS B 163 5.72 5.65 9.31
CA CYS B 163 5.24 5.75 10.69
C CYS B 163 5.23 7.21 11.11
N GLY B 164 4.06 7.73 11.44
CA GLY B 164 3.93 9.11 11.89
C GLY B 164 3.39 10.07 10.84
N LYS B 165 3.99 11.25 10.76
CA LYS B 165 3.47 12.33 9.92
C LYS B 165 3.87 12.12 8.45
N ALA B 166 2.88 12.08 7.56
CA ALA B 166 3.15 11.95 6.13
C ALA B 166 3.09 13.32 5.45
N HIS B 167 1.89 13.91 5.38
CA HIS B 167 1.73 15.31 4.96
C HIS B 167 2.19 15.56 3.52
N PHE B 168 1.91 14.63 2.60
CA PHE B 168 2.38 14.77 1.22
C PHE B 168 1.33 15.32 0.26
N GLY B 169 0.06 15.15 0.56
CA GLY B 169 -1.00 15.57 -0.33
C GLY B 169 -2.16 16.06 0.49
N ALA B 170 -2.93 16.98 -0.10
CA ALA B 170 -4.12 17.47 0.56
C ALA B 170 -5.09 16.33 0.84
N VAL B 171 -6.01 16.58 1.76
CA VAL B 171 -7.03 15.58 2.09
C VAL B 171 -7.92 15.36 0.86
N ASN B 172 -8.30 14.09 0.63
CA ASN B 172 -9.09 13.67 -0.53
C ASN B 172 -8.37 13.88 -1.86
N THR B 173 -7.06 13.63 -1.84
CA THR B 173 -6.13 13.72 -2.93
C THR B 173 -5.22 12.51 -2.83
N PRO B 174 -4.83 11.89 -3.95
CA PRO B 174 -4.14 10.59 -3.83
C PRO B 174 -2.92 10.66 -2.94
N GLY B 175 -2.18 11.75 -2.95
CA GLY B 175 -1.02 11.87 -2.08
C GLY B 175 -1.31 11.88 -0.58
N GLU B 176 -2.57 11.91 -0.17
CA GLU B 176 -2.84 11.81 1.25
C GLU B 176 -2.50 10.44 1.82
N SER B 177 -2.35 9.43 0.97
CA SER B 177 -2.14 8.06 1.41
C SER B 177 -0.67 7.66 1.31
N PRO B 178 0.02 7.37 2.42
CA PRO B 178 1.35 6.75 2.30
C PRO B 178 1.37 5.51 1.44
N TYR B 179 0.28 4.74 1.39
CA TYR B 179 0.23 3.60 0.48
C TYR B 179 0.31 4.04 -0.97
N HIS B 180 -0.48 5.05 -1.35
CA HIS B 180 -0.39 5.54 -2.72
C HIS B 180 1.03 5.97 -3.06
N MET B 181 1.77 6.44 -2.06
CA MET B 181 3.14 6.93 -2.25
C MET B 181 4.20 5.84 -2.17
N GLY B 182 3.80 4.57 -2.14
CA GLY B 182 4.74 3.48 -2.24
C GLY B 182 5.12 2.82 -0.93
N PHE B 183 4.53 3.24 0.19
CA PHE B 183 4.77 2.56 1.44
C PHE B 183 3.88 1.33 1.55
N GLU B 184 4.45 0.19 1.94
CA GLU B 184 3.67 -1.04 2.10
C GLU B 184 2.98 -1.12 3.45
N VAL B 185 3.52 -0.45 4.47
CA VAL B 185 2.91 -0.37 5.80
C VAL B 185 2.77 1.11 6.17
N ASN B 186 1.63 1.48 6.76
CA ASN B 186 1.37 2.86 7.18
C ASN B 186 0.87 2.87 8.61
N ILE B 187 1.61 3.55 9.49
CA ILE B 187 1.20 3.81 10.86
C ILE B 187 0.95 5.30 10.99
N ALA B 188 -0.32 5.70 11.14
CA ALA B 188 -0.71 7.04 11.57
C ALA B 188 -0.52 8.11 10.50
N GLY B 189 -0.12 7.75 9.28
CA GLY B 189 0.15 8.75 8.25
C GLY B 189 -1.09 9.09 7.46
N HIS B 190 -1.33 10.39 7.27
CA HIS B 190 -2.40 10.86 6.42
C HIS B 190 -2.05 12.24 5.89
N ALA B 191 -3.08 13.04 5.56
CA ALA B 191 -2.82 14.36 5.00
C ALA B 191 -2.46 15.39 6.05
N GLY B 192 -2.74 15.11 7.33
CA GLY B 192 -2.45 16.09 8.36
C GLY B 192 -0.95 16.32 8.54
N GLY B 193 -0.58 17.59 8.70
CA GLY B 193 0.76 17.99 9.05
C GLY B 193 0.93 18.40 10.51
N GLY B 194 -0.12 18.32 11.30
CA GLY B 194 0.02 18.57 12.72
C GLY B 194 -0.69 17.49 13.47
N LEU B 195 -1.02 17.76 14.72
CA LEU B 195 -1.72 16.77 15.53
C LEU B 195 -2.56 17.52 16.55
N ALA B 196 -3.77 17.02 16.79
CA ALA B 196 -4.67 17.70 17.70
C ALA B 196 -4.22 17.55 19.15
N SER B 197 -3.50 16.46 19.47
CA SER B 197 -3.01 16.24 20.83
C SER B 197 -1.99 15.10 20.85
N TYR B 198 -1.03 15.22 21.75
CA TYR B 198 -0.12 14.13 22.08
C TYR B 198 -0.72 13.14 23.08
N LEU B 199 -1.79 13.51 23.77
CA LEU B 199 -2.25 12.76 24.93
C LEU B 199 -3.21 11.64 24.53
N GLY B 200 -2.88 10.42 24.94
CA GLY B 200 -3.82 9.33 24.80
C GLY B 200 -5.13 9.58 25.52
N GLU B 201 -5.09 10.34 26.62
CA GLU B 201 -6.33 10.65 27.33
C GLU B 201 -7.27 11.49 26.49
N ASN B 202 -6.77 12.13 25.43
CA ASN B 202 -7.61 12.87 24.50
C ASN B 202 -7.80 12.12 23.19
N ASN B 203 -7.42 10.85 23.15
CA ASN B 203 -7.49 10.03 21.94
C ASN B 203 -6.67 10.61 20.80
N TYR B 204 -5.65 11.43 21.10
CA TYR B 204 -4.88 12.15 20.07
C TYR B 204 -5.80 13.00 19.19
N GLY B 205 -6.87 13.54 19.78
CA GLY B 205 -7.81 14.39 19.08
C GLY B 205 -9.03 13.70 18.49
N ASN B 206 -9.11 12.36 18.57
CA ASN B 206 -10.25 11.64 18.02
C ASN B 206 -11.48 11.74 18.92
N ARG B 207 -12.66 11.83 18.30
CA ARG B 207 -13.92 11.93 19.01
C ARG B 207 -14.54 10.55 19.22
N THR B 208 -15.11 10.37 20.40
CA THR B 208 -15.89 9.17 20.70
C THR B 208 -17.39 9.47 20.72
N ASP B 209 -17.79 10.62 20.22
CA ASP B 209 -19.18 10.94 19.99
C ASP B 209 -19.46 10.76 18.49
N GLY B 210 -20.53 11.39 18.01
CA GLY B 210 -20.74 11.65 16.61
C GLY B 210 -20.11 12.92 16.15
N LYS B 211 -19.37 13.60 17.04
CA LYS B 211 -18.66 14.81 16.69
C LYS B 211 -17.77 14.54 15.48
N PRO B 212 -17.68 15.48 14.54
CA PRO B 212 -16.65 15.36 13.48
C PRO B 212 -15.26 15.56 14.06
N ASN B 213 -14.34 14.69 13.65
CA ASN B 213 -12.95 14.76 14.11
C ASN B 213 -12.26 16.01 13.56
N PRO B 214 -11.35 16.60 14.34
CA PRO B 214 -10.49 17.65 13.79
C PRO B 214 -9.66 17.12 12.61
N TRP B 215 -9.11 18.05 11.85
CA TRP B 215 -8.22 17.69 10.75
C TRP B 215 -7.08 16.81 11.26
N PHE B 216 -6.48 17.22 12.39
CA PHE B 216 -5.21 16.68 12.80
C PHE B 216 -5.35 15.58 13.84
N ALA B 217 -6.54 15.01 13.99
CA ALA B 217 -6.69 13.78 14.75
C ALA B 217 -5.76 12.72 14.18
N VAL B 218 -4.98 12.07 15.05
CA VAL B 218 -3.99 11.10 14.61
C VAL B 218 -4.68 9.76 14.41
N PRO B 219 -4.68 9.22 13.19
CA PRO B 219 -5.31 7.92 12.95
C PRO B 219 -4.38 6.77 13.31
N GLY B 220 -4.99 5.60 13.54
CA GLY B 220 -4.24 4.35 13.57
C GLY B 220 -3.61 4.00 14.89
N LEU B 221 -3.95 4.70 15.96
CA LEU B 221 -3.50 4.42 17.32
C LEU B 221 -4.70 4.21 18.23
N ASP B 222 -5.79 3.66 17.66
CA ASP B 222 -7.02 3.42 18.42
C ASP B 222 -6.74 2.59 19.65
N LYS B 223 -5.87 1.58 19.52
CA LYS B 223 -5.47 0.72 20.62
C LYS B 223 -5.07 1.51 21.87
N TYR B 224 -4.61 2.77 21.71
CA TYR B 224 -4.04 3.55 22.80
C TYR B 224 -4.96 4.61 23.38
N TRP B 225 -6.12 4.88 22.75
CA TRP B 225 -7.05 5.88 23.26
C TRP B 225 -7.40 5.63 24.73
N GLY B 226 -7.56 6.71 25.48
CA GLY B 226 -7.89 6.60 26.88
C GLY B 226 -6.77 6.10 27.77
N THR B 227 -5.63 5.69 27.23
CA THR B 227 -4.51 5.38 28.10
C THR B 227 -3.64 6.62 28.22
N ASP B 228 -2.57 6.54 29.01
CA ASP B 228 -1.64 7.65 29.17
C ASP B 228 -0.38 7.52 28.32
N THR B 229 -0.49 6.84 27.19
CA THR B 229 0.61 6.72 26.24
C THR B 229 0.72 8.02 25.43
N PHE B 230 1.82 8.76 25.62
CA PHE B 230 2.16 9.88 24.74
C PHE B 230 2.27 9.41 23.30
N VAL B 231 1.84 10.26 22.36
CA VAL B 231 1.80 9.81 20.96
C VAL B 231 3.19 9.42 20.46
N SER B 232 4.23 10.12 20.90
CA SER B 232 5.59 9.77 20.51
C SER B 232 5.95 8.35 20.96
N GLU B 233 5.52 7.99 22.18
CA GLU B 233 5.71 6.61 22.65
C GLU B 233 4.92 5.63 21.78
N ALA B 234 3.64 5.94 21.51
CA ALA B 234 2.83 5.03 20.73
C ALA B 234 3.40 4.79 19.34
N LEU B 235 3.93 5.84 18.71
CA LEU B 235 4.50 5.67 17.37
C LEU B 235 5.69 4.72 17.41
N THR B 236 6.51 4.81 18.47
CA THR B 236 7.67 3.94 18.59
C THR B 236 7.27 2.51 18.90
N LEU B 237 6.20 2.32 19.69
CA LEU B 237 5.73 0.96 19.93
C LEU B 237 5.28 0.32 18.62
N GLU B 238 4.40 1.00 17.87
CA GLU B 238 3.94 0.48 16.58
C GLU B 238 5.10 0.34 15.59
N ALA B 239 6.05 1.28 15.61
CA ALA B 239 7.22 1.14 14.74
C ALA B 239 8.00 -0.12 15.07
N ILE B 240 8.19 -0.41 16.36
CA ILE B 240 8.90 -1.62 16.73
C ILE B 240 8.08 -2.85 16.34
N LYS B 241 6.76 -2.79 16.43
CA LYS B 241 5.94 -3.89 15.91
C LYS B 241 6.20 -4.10 14.42
N ALA B 242 6.27 -3.02 13.64
CA ALA B 242 6.50 -3.16 12.21
C ALA B 242 7.89 -3.71 11.93
N LEU B 243 8.88 -3.24 12.70
CA LEU B 243 10.23 -3.74 12.52
C LEU B 243 10.34 -5.23 12.84
N ASN B 244 9.69 -5.70 13.91
CA ASN B 244 9.70 -7.14 14.16
C ASN B 244 9.02 -7.88 13.03
N HIS B 245 7.92 -7.34 12.51
CA HIS B 245 7.28 -7.97 11.36
C HIS B 245 8.20 -8.00 10.15
N ALA B 246 8.98 -6.93 9.92
CA ALA B 246 9.86 -6.92 8.75
C ALA B 246 10.90 -8.04 8.82
N LYS B 247 11.32 -8.44 10.03
CA LYS B 247 12.31 -9.51 10.17
C LYS B 247 11.80 -10.86 9.69
N GLU B 248 10.48 -11.02 9.47
CA GLU B 248 9.92 -12.23 8.85
C GLU B 248 10.12 -12.27 7.34
N TYR B 249 10.50 -11.17 6.72
CA TYR B 249 10.63 -11.05 5.27
C TYR B 249 12.11 -11.00 4.88
N ASN B 250 12.49 -11.79 3.88
CA ASN B 250 13.88 -11.84 3.41
C ASN B 250 14.13 -10.73 2.39
N GLN B 251 14.02 -9.49 2.88
CA GLN B 251 14.26 -8.29 2.09
C GLN B 251 14.67 -7.18 3.05
N PRO B 252 15.49 -6.23 2.62
CA PRO B 252 15.84 -5.11 3.50
C PRO B 252 14.64 -4.19 3.70
N PHE B 253 14.66 -3.43 4.77
CA PHE B 253 13.57 -2.50 5.02
C PHE B 253 14.02 -1.05 4.91
N PHE B 254 13.06 -0.20 4.56
CA PHE B 254 13.17 1.25 4.66
C PHE B 254 12.11 1.72 5.63
N LEU B 255 12.54 2.38 6.72
CA LEU B 255 11.62 2.89 7.72
C LEU B 255 11.68 4.40 7.76
N TYR B 256 10.55 5.03 7.50
CA TYR B 256 10.41 6.48 7.61
C TYR B 256 9.71 6.71 8.95
N MET B 257 10.52 6.98 9.98
CA MET B 257 10.03 7.33 11.31
C MET B 257 9.86 8.84 11.37
N ALA B 258 8.66 9.31 11.06
CA ALA B 258 8.42 10.74 10.89
C ALA B 258 7.54 11.24 12.04
N HIS B 259 8.19 11.69 13.11
CA HIS B 259 7.47 12.06 14.32
C HIS B 259 6.56 13.26 14.10
N TYR B 260 5.40 13.21 14.74
CA TYR B 260 4.67 14.46 14.96
C TYR B 260 5.40 15.35 15.95
N ALA B 261 6.35 14.79 16.69
CA ALA B 261 6.85 15.41 17.90
C ALA B 261 7.46 16.78 17.65
N ILE B 262 7.13 17.65 18.60
CA ILE B 262 7.56 19.00 18.93
C ILE B 262 6.90 19.97 17.96
N HIS B 263 5.95 19.48 17.15
CA HIS B 263 4.94 20.37 16.57
C HIS B 263 3.93 20.78 17.63
N VAL B 264 3.37 21.98 17.47
CA VAL B 264 2.34 22.49 18.38
C VAL B 264 1.07 21.64 18.27
N PRO B 265 0.25 21.53 19.34
CA PRO B 265 0.39 22.11 20.68
C PRO B 265 1.46 21.44 21.54
N ILE B 266 2.17 22.22 22.34
CA ILE B 266 3.22 21.66 23.19
C ILE B 266 2.62 21.09 24.46
N ASP B 267 1.92 19.96 24.34
CA ASP B 267 1.39 19.24 25.49
C ASP B 267 2.53 18.76 26.37
N LYS B 268 2.23 18.59 27.66
CA LYS B 268 3.25 18.15 28.63
C LYS B 268 3.33 16.63 28.62
N ASP B 269 4.52 16.11 28.34
CA ASP B 269 4.83 14.71 28.56
C ASP B 269 5.23 14.54 30.03
N LYS B 270 4.34 13.92 30.82
CA LYS B 270 4.62 13.84 32.26
C LYS B 270 5.80 12.93 32.58
N ARG B 271 6.31 12.18 31.59
CA ARG B 271 7.50 11.38 31.85
C ARG B 271 8.75 12.22 32.10
N PHE B 272 8.79 13.47 31.64
CA PHE B 272 9.98 14.28 31.87
C PHE B 272 9.72 15.71 32.29
N TYR B 273 8.45 16.14 32.39
CA TYR B 273 8.14 17.56 32.49
C TYR B 273 8.71 18.18 33.76
N GLN B 274 8.47 17.53 34.91
CA GLN B 274 8.89 18.09 36.19
C GLN B 274 10.40 18.26 36.27
N LYS B 275 11.16 17.31 35.71
CA LYS B 275 12.61 17.41 35.73
C LYS B 275 13.08 18.75 35.17
N TYR B 276 12.39 19.27 34.15
CA TYR B 276 12.78 20.55 33.56
C TYR B 276 12.27 21.73 34.38
N ILE B 277 11.11 21.58 35.03
CA ILE B 277 10.73 22.55 36.05
C ILE B 277 11.81 22.61 37.13
N ASP B 278 12.17 21.44 37.69
CA ASP B 278 13.23 21.41 38.70
C ASP B 278 14.53 22.03 38.19
N LYS B 279 14.81 21.89 36.90
CA LYS B 279 15.99 22.51 36.30
C LYS B 279 15.88 24.04 36.19
N GLY B 280 14.72 24.61 36.54
CA GLY B 280 14.50 26.04 36.45
C GLY B 280 13.94 26.57 35.13
N LEU B 281 13.45 25.71 34.23
CA LEU B 281 12.82 26.20 33.01
C LEU B 281 11.40 26.67 33.30
N THR B 282 10.94 27.64 32.52
CA THR B 282 9.56 28.08 32.59
C THR B 282 8.65 26.92 32.15
N PRO B 283 7.39 26.92 32.56
CA PRO B 283 6.51 25.82 32.13
C PRO B 283 6.50 25.63 30.62
N LYS B 284 6.43 26.72 29.85
CA LYS B 284 6.46 26.62 28.40
C LYS B 284 7.73 25.91 27.92
N GLU B 285 8.88 26.34 28.43
CA GLU B 285 10.16 25.76 28.00
C GLU B 285 10.31 24.34 28.51
N ALA B 286 9.80 24.06 29.72
CA ALA B 286 9.85 22.70 30.26
C ALA B 286 9.00 21.75 29.41
N ALA B 287 7.79 22.16 29.04
CA ALA B 287 6.99 21.37 28.10
C ALA B 287 7.78 21.09 26.82
N TYR B 288 8.40 22.13 26.25
CA TYR B 288 9.13 21.98 24.98
C TYR B 288 10.36 21.09 25.14
N ALA B 289 11.12 21.27 26.23
CA ALA B 289 12.25 20.39 26.46
C ALA B 289 11.80 18.95 26.59
N ALA B 290 10.60 18.74 27.14
CA ALA B 290 10.10 17.39 27.38
C ALA B 290 9.62 16.71 26.10
N LEU B 291 9.11 17.49 25.13
CA LEU B 291 8.84 16.90 23.81
C LEU B 291 10.14 16.46 23.16
N ILE B 292 11.21 17.24 23.38
CA ILE B 292 12.51 16.94 22.79
C ILE B 292 13.07 15.64 23.38
N GLU B 293 13.02 15.50 24.71
CA GLU B 293 13.58 14.31 25.33
C GLU B 293 12.75 13.08 24.99
N GLY B 294 11.45 13.27 24.75
CA GLY B 294 10.62 12.15 24.35
C GLY B 294 10.89 11.71 22.92
N MET B 295 11.12 12.68 22.03
CA MET B 295 11.60 12.35 20.69
C MET B 295 12.87 11.52 20.76
N ASP B 296 13.82 11.95 21.60
CA ASP B 296 15.09 11.25 21.71
C ASP B 296 14.95 9.90 22.40
N LYS B 297 13.94 9.72 23.25
CA LYS B 297 13.72 8.36 23.75
C LYS B 297 13.28 7.44 22.62
N SER B 298 12.52 7.97 21.66
CA SER B 298 12.10 7.18 20.52
C SER B 298 13.28 6.75 19.67
N LEU B 299 14.26 7.65 19.48
CA LEU B 299 15.45 7.26 18.74
C LEU B 299 16.20 6.15 19.44
N GLY B 300 16.36 6.27 20.77
CA GLY B 300 17.09 5.25 21.52
C GLY B 300 16.41 3.90 21.47
N ASP B 301 15.08 3.88 21.62
CA ASP B 301 14.33 2.64 21.53
C ASP B 301 14.55 1.94 20.19
N LEU B 302 14.56 2.71 19.09
CA LEU B 302 14.86 2.13 17.80
C LEU B 302 16.32 1.65 17.74
N MET B 303 17.26 2.47 18.24
CA MET B 303 18.66 2.03 18.28
C MET B 303 18.84 0.78 19.14
N ASP B 304 18.10 0.67 20.25
CA ASP B 304 18.21 -0.53 21.08
C ASP B 304 17.67 -1.75 20.35
N TRP B 305 16.58 -1.56 19.60
CA TRP B 305 16.00 -2.64 18.81
C TRP B 305 16.99 -3.16 17.77
N LEU B 306 17.62 -2.23 17.04
CA LEU B 306 18.67 -2.56 16.09
C LEU B 306 19.78 -3.39 16.74
N ASP B 307 20.14 -3.06 17.99
CA ASP B 307 21.18 -3.79 18.73
C ASP B 307 20.68 -5.17 19.13
N LYS B 308 19.52 -5.23 19.78
CA LYS B 308 19.00 -6.50 20.30
C LYS B 308 18.73 -7.50 19.19
N ASN B 309 18.46 -7.04 17.97
CA ASN B 309 18.04 -7.89 16.86
C ASN B 309 19.13 -8.07 15.81
N GLY B 310 20.37 -7.71 16.10
CA GLY B 310 21.47 -7.97 15.18
C GLY B 310 21.42 -7.22 13.87
N GLU B 311 20.75 -6.07 13.81
CA GLU B 311 20.60 -5.33 12.58
C GLU B 311 21.48 -4.09 12.53
N ALA B 312 22.21 -3.79 13.60
CA ALA B 312 22.83 -2.47 13.76
C ALA B 312 24.00 -2.25 12.81
N ASP B 313 24.77 -3.29 12.50
CA ASP B 313 25.90 -3.12 11.60
C ASP B 313 25.50 -3.09 10.13
N ASN B 314 24.28 -3.54 9.81
CA ASN B 314 23.81 -3.53 8.43
C ASN B 314 22.69 -2.50 8.19
N THR B 315 22.58 -1.49 9.05
CA THR B 315 21.48 -0.53 8.94
C THR B 315 22.03 0.88 8.95
N ILE B 316 21.59 1.68 7.98
CA ILE B 316 21.89 3.11 7.91
C ILE B 316 20.82 3.86 8.68
N VAL B 317 21.24 4.74 9.59
CA VAL B 317 20.32 5.58 10.34
C VAL B 317 20.61 7.03 9.96
N ILE B 318 19.57 7.72 9.49
CA ILE B 318 19.66 9.13 9.14
C ILE B 318 18.71 9.89 10.05
N PHE B 319 19.25 10.86 10.78
CA PHE B 319 18.47 11.75 11.63
C PHE B 319 18.35 13.11 10.96
N MET B 320 17.16 13.68 10.97
CA MET B 320 16.91 14.92 10.24
C MET B 320 15.72 15.62 10.88
N SER B 321 15.59 16.91 10.58
CA SER B 321 14.42 17.70 10.91
C SER B 321 14.00 18.48 9.67
N ASP B 322 12.73 18.87 9.62
CA ASP B 322 12.14 19.33 8.36
C ASP B 322 12.09 20.86 8.20
N ASN B 323 12.28 21.62 9.28
CA ASN B 323 12.37 23.08 9.25
C ASN B 323 12.81 23.53 10.64
N GLY B 324 12.96 24.85 10.81
CA GLY B 324 13.47 25.38 12.07
C GLY B 324 12.48 25.26 13.21
N GLY B 325 12.96 25.46 14.43
CA GLY B 325 12.07 25.55 15.58
C GLY B 325 11.17 26.77 15.51
N LEU B 326 9.98 26.64 16.10
CA LEU B 326 9.00 27.73 16.15
C LEU B 326 9.50 28.82 17.10
N SER B 327 9.79 30.00 16.56
CA SER B 327 10.33 31.09 17.38
C SER B 327 9.53 32.38 17.23
N SER B 328 8.38 32.33 16.56
CA SER B 328 7.54 33.50 16.33
C SER B 328 6.30 33.56 17.21
N GLU B 329 6.02 32.54 18.01
CA GLU B 329 4.77 32.51 18.77
C GLU B 329 5.03 32.52 20.27
N PRO B 330 4.91 33.67 20.93
CA PRO B 330 5.24 33.75 22.36
C PRO B 330 4.29 32.96 23.25
N GLY B 331 3.10 32.61 22.76
CA GLY B 331 2.24 31.71 23.50
C GLY B 331 2.75 30.27 23.64
N TRP B 332 3.81 29.88 22.92
CA TRP B 332 4.44 28.58 23.09
C TRP B 332 5.85 28.64 23.64
N ARG B 333 6.59 29.72 23.39
CA ARG B 333 8.00 29.83 23.78
C ARG B 333 8.24 31.08 24.63
N ASP B 334 9.19 30.95 25.56
CA ASP B 334 9.71 32.09 26.31
C ASP B 334 11.14 32.38 25.84
N GLY B 335 11.72 33.44 26.38
CA GLY B 335 12.92 34.03 25.83
C GLY B 335 12.58 35.15 24.88
N LYS B 336 13.61 35.90 24.48
CA LYS B 336 13.37 36.95 23.51
C LYS B 336 12.82 36.35 22.22
N LEU B 337 11.74 36.94 21.72
CA LEU B 337 11.07 36.37 20.56
C LEU B 337 12.03 36.33 19.38
N HIS B 338 11.92 35.27 18.58
CA HIS B 338 12.71 35.06 17.36
C HIS B 338 14.17 34.75 17.65
N THR B 339 14.46 34.24 18.86
CA THR B 339 15.83 33.88 19.21
C THR B 339 15.92 32.45 19.73
N GLN B 340 14.88 31.64 19.55
CA GLN B 340 14.83 30.31 20.14
C GLN B 340 15.65 29.28 19.37
N ASN B 341 16.30 29.66 18.27
CA ASN B 341 17.30 28.81 17.62
C ASN B 341 18.69 29.45 17.72
N SER B 342 18.92 30.22 18.79
CA SER B 342 20.17 30.93 19.03
C SER B 342 21.36 29.98 18.90
N PRO B 343 22.43 30.38 18.19
CA PRO B 343 22.72 31.71 17.67
C PRO B 343 22.15 32.02 16.30
N LEU B 344 21.26 31.18 15.79
CA LEU B 344 20.65 31.44 14.50
C LEU B 344 19.55 32.48 14.63
N ASN B 345 19.31 33.19 13.54
CA ASN B 345 18.27 34.21 13.53
C ASN B 345 16.93 33.60 13.18
N SER B 346 15.92 33.89 13.99
CA SER B 346 14.52 33.58 13.67
C SER B 346 14.31 32.06 13.68
N GLY B 347 13.34 31.59 12.91
CA GLY B 347 12.95 30.21 12.96
C GLY B 347 11.91 29.84 11.92
N LYS B 348 11.08 28.85 12.26
CA LYS B 348 10.11 28.29 11.32
C LYS B 348 9.41 29.37 10.52
N GLY B 349 9.39 29.18 9.20
CA GLY B 349 8.77 30.11 8.29
C GLY B 349 9.66 31.25 7.85
N SER B 350 10.91 31.30 8.31
CA SER B 350 11.80 32.38 7.94
C SER B 350 12.89 31.88 7.00
N ALA B 351 13.32 32.79 6.11
CA ALA B 351 14.43 32.45 5.21
C ALA B 351 15.77 32.46 5.92
N TYR B 352 15.83 33.07 7.11
CA TYR B 352 17.04 33.11 7.92
C TYR B 352 17.45 31.69 8.36
N GLU B 353 18.71 31.57 8.79
CA GLU B 353 19.26 30.26 9.16
C GLU B 353 18.43 29.56 10.22
N GLY B 354 17.77 30.32 11.09
CA GLY B 354 16.98 29.71 12.13
C GLY B 354 15.83 28.89 11.59
N GLY B 355 15.34 29.21 10.39
CA GLY B 355 14.21 28.51 9.83
C GLY B 355 14.58 27.37 8.91
N VAL B 356 15.83 27.33 8.43
CA VAL B 356 16.21 26.38 7.39
C VAL B 356 17.38 25.48 7.78
N ARG B 357 18.22 25.84 8.77
CA ARG B 357 19.36 25.00 9.13
C ARG B 357 18.94 23.96 10.17
N GLU B 358 19.24 22.68 9.89
CA GLU B 358 18.64 21.53 10.56
C GLU B 358 19.68 20.60 11.18
N PRO B 359 19.36 20.01 12.33
CA PRO B 359 20.23 18.97 12.88
C PRO B 359 20.13 17.71 12.03
N MET B 360 21.30 17.17 11.67
CA MET B 360 21.42 16.03 10.77
C MET B 360 22.54 15.13 11.27
N ILE B 361 22.26 13.83 11.35
CA ILE B 361 23.26 12.83 11.71
C ILE B 361 23.05 11.64 10.80
N VAL B 362 24.15 11.04 10.36
CA VAL B 362 24.09 9.79 9.61
C VAL B 362 25.04 8.80 10.26
N ARG B 363 24.55 7.57 10.52
CA ARG B 363 25.39 6.45 10.92
C ARG B 363 25.31 5.37 9.86
N TRP B 364 26.47 4.99 9.32
CA TRP B 364 26.57 4.02 8.23
C TRP B 364 27.78 3.16 8.56
N PRO B 365 27.59 2.07 9.30
CA PRO B 365 28.73 1.33 9.85
C PRO B 365 29.52 0.64 8.74
N GLY B 366 30.84 0.80 8.79
CA GLY B 366 31.70 0.34 7.74
C GLY B 366 32.04 1.40 6.70
N VAL B 367 31.16 2.38 6.49
CA VAL B 367 31.32 3.37 5.44
C VAL B 367 31.63 4.75 6.00
N VAL B 368 30.96 5.15 7.08
CA VAL B 368 31.08 6.49 7.63
C VAL B 368 31.94 6.42 8.88
N LYS B 369 33.05 7.18 8.88
CA LYS B 369 33.95 7.32 10.02
C LYS B 369 33.20 7.81 11.25
N PRO B 370 33.16 7.04 12.34
CA PRO B 370 32.42 7.50 13.54
C PRO B 370 33.00 8.77 14.13
N ASP B 371 32.15 9.46 14.90
CA ASP B 371 32.52 10.65 15.70
C ASP B 371 33.10 11.78 14.84
N THR B 372 32.61 11.95 13.62
CA THR B 372 33.13 12.99 12.76
C THR B 372 32.07 14.06 12.50
N LYS B 373 32.54 15.19 11.95
CA LYS B 373 31.67 16.29 11.56
C LYS B 373 31.97 16.66 10.12
N CYS B 374 30.92 17.04 9.39
CA CYS B 374 31.05 17.52 8.01
C CYS B 374 30.37 18.87 7.93
N ASP B 375 31.08 19.86 7.41
CA ASP B 375 30.63 21.24 7.37
C ASP B 375 30.17 21.68 5.98
N LYS B 376 30.25 20.81 4.98
CA LYS B 376 29.84 21.17 3.63
C LYS B 376 28.32 21.14 3.50
N TYR B 377 27.76 22.15 2.85
CA TYR B 377 26.32 22.27 2.93
C TYR B 377 25.61 21.35 1.93
N LEU B 378 24.36 21.05 2.27
CA LEU B 378 23.48 20.23 1.45
C LEU B 378 22.04 20.64 1.79
N ILE B 379 21.10 20.12 1.02
CA ILE B 379 19.69 20.52 1.16
C ILE B 379 18.81 19.29 0.99
N ILE B 380 17.55 19.40 1.44
CA ILE B 380 16.71 18.22 1.69
C ILE B 380 16.48 17.42 0.41
N GLU B 381 16.38 18.07 -0.75
CA GLU B 381 16.12 17.27 -1.95
C GLU B 381 17.28 16.34 -2.30
N ASP B 382 18.45 16.53 -1.67
CA ASP B 382 19.57 15.60 -1.86
C ASP B 382 19.29 14.24 -1.24
N PHE B 383 18.43 14.19 -0.21
CA PHE B 383 18.13 12.93 0.45
C PHE B 383 17.63 11.89 -0.54
N TYR B 384 16.94 12.34 -1.60
CA TYR B 384 16.30 11.40 -2.52
C TYR B 384 17.34 10.60 -3.31
N PRO B 385 18.21 11.21 -4.12
CA PRO B 385 19.23 10.39 -4.82
C PRO B 385 20.20 9.70 -3.88
N SER B 386 20.46 10.29 -2.70
CA SER B 386 21.41 9.70 -1.75
C SER B 386 20.87 8.41 -1.14
N ILE B 387 19.61 8.42 -0.71
CA ILE B 387 19.02 7.21 -0.13
C ILE B 387 18.97 6.10 -1.18
N LEU B 388 18.65 6.46 -2.43
CA LEU B 388 18.61 5.45 -3.48
C LEU B 388 19.99 4.87 -3.73
N GLU B 389 21.02 5.73 -3.70
CA GLU B 389 22.39 5.24 -3.78
C GLU B 389 22.73 4.32 -2.63
N MET B 390 22.31 4.68 -1.41
CA MET B 390 22.55 3.80 -0.27
C MET B 390 21.83 2.48 -0.46
N ALA B 391 20.68 2.49 -1.12
CA ALA B 391 19.91 1.29 -1.39
C ALA B 391 20.45 0.50 -2.57
N GLN B 392 21.47 1.03 -3.26
CA GLN B 392 22.13 0.38 -4.41
C GLN B 392 21.23 0.34 -5.65
N VAL B 393 20.41 1.37 -5.82
CA VAL B 393 19.50 1.50 -6.95
C VAL B 393 20.09 2.51 -7.93
N LYS B 394 20.40 2.07 -9.14
CA LYS B 394 21.03 2.96 -10.11
C LYS B 394 20.22 2.96 -11.41
N HIS B 395 20.35 4.08 -12.14
CA HIS B 395 19.64 4.37 -13.40
C HIS B 395 18.15 4.06 -13.35
N TYR B 396 17.51 4.52 -12.27
CA TYR B 396 16.08 4.36 -12.11
C TYR B 396 15.32 5.41 -12.91
N LYS B 397 14.08 5.05 -13.26
CA LYS B 397 13.20 5.92 -14.03
C LYS B 397 12.34 6.77 -13.10
N THR B 398 12.24 8.06 -13.42
CA THR B 398 11.40 9.01 -12.68
C THR B 398 10.64 9.86 -13.69
N VAL B 399 9.39 10.19 -13.37
CA VAL B 399 8.63 11.04 -14.29
C VAL B 399 9.06 12.50 -14.20
N GLN B 400 9.68 12.92 -13.07
CA GLN B 400 10.15 14.26 -12.81
C GLN B 400 11.68 14.32 -12.80
N PRO B 401 12.26 15.45 -13.21
CA PRO B 401 13.71 15.63 -13.07
C PRO B 401 14.12 15.71 -11.60
N ILE B 402 15.31 15.25 -11.31
CA ILE B 402 15.80 15.17 -9.94
C ILE B 402 16.79 16.31 -9.70
N ASP B 403 16.48 17.17 -8.73
CA ASP B 403 17.34 18.30 -8.42
C ASP B 403 18.31 17.99 -7.28
N GLY B 404 18.00 17.02 -6.44
CA GLY B 404 18.93 16.61 -5.41
C GLY B 404 20.25 16.15 -6.01
N ILE B 405 21.32 16.49 -5.31
CA ILE B 405 22.68 16.01 -5.58
C ILE B 405 23.04 15.06 -4.45
N SER B 406 23.42 13.83 -4.79
CA SER B 406 23.83 12.87 -3.77
C SER B 406 24.96 13.43 -2.89
N PHE B 407 24.84 13.24 -1.58
CA PHE B 407 25.91 13.61 -0.66
C PHE B 407 26.67 12.39 -0.15
N ILE B 408 26.67 11.29 -0.92
CA ILE B 408 27.55 10.17 -0.59
C ILE B 408 29.01 10.58 -0.56
N PRO B 409 29.52 11.43 -1.48
CA PRO B 409 30.92 11.87 -1.37
C PRO B 409 31.25 12.62 -0.09
N LEU B 410 30.26 13.25 0.55
CA LEU B 410 30.52 13.76 1.89
C LEU B 410 30.55 12.62 2.90
N LEU B 411 29.65 11.64 2.76
CA LEU B 411 29.64 10.51 3.68
C LEU B 411 30.91 9.68 3.58
N LYS B 412 31.52 9.61 2.40
CA LYS B 412 32.70 8.79 2.18
C LYS B 412 33.99 9.61 2.13
N GLN B 413 33.88 10.94 2.21
CA GLN B 413 35.04 11.84 2.17
C GLN B 413 35.80 11.66 0.86
N THR B 414 35.08 11.75 -0.24
CA THR B 414 35.65 11.58 -1.56
C THR B 414 35.39 12.75 -2.49
N GLY B 415 34.58 13.72 -2.07
CA GLY B 415 34.20 14.81 -2.94
C GLY B 415 33.38 15.81 -2.17
N ASP B 416 33.22 16.99 -2.77
CA ASP B 416 32.54 18.10 -2.12
C ASP B 416 31.47 18.64 -3.05
N PRO B 417 30.26 18.07 -3.03
CA PRO B 417 29.19 18.55 -3.91
C PRO B 417 28.75 19.97 -3.60
N SER B 418 29.16 20.55 -2.47
CA SER B 418 28.77 21.93 -2.19
C SER B 418 29.63 22.94 -2.95
N LYS B 419 30.81 22.53 -3.44
CA LYS B 419 31.72 23.48 -4.07
C LYS B 419 31.10 24.03 -5.34
N GLY B 420 31.08 25.36 -5.44
CA GLY B 420 30.44 26.03 -6.56
C GLY B 420 28.95 25.83 -6.66
N ARG B 421 28.33 25.19 -5.66
CA ARG B 421 26.93 24.83 -5.76
C ARG B 421 26.01 25.89 -5.16
N SER B 422 24.93 26.20 -5.88
CA SER B 422 23.89 27.12 -5.43
C SER B 422 22.72 26.34 -4.83
N LEU B 423 22.24 26.81 -3.69
CA LEU B 423 21.05 26.27 -3.02
C LEU B 423 19.93 27.29 -3.14
N TYR B 424 18.71 26.82 -3.38
CA TYR B 424 17.59 27.71 -3.66
C TYR B 424 16.39 27.45 -2.76
N TRP B 425 15.76 28.53 -2.32
CA TRP B 425 14.48 28.49 -1.64
C TRP B 425 13.56 29.48 -2.33
N ASN B 426 12.25 29.18 -2.32
CA ASN B 426 11.23 30.06 -2.88
C ASN B 426 9.98 29.92 -2.02
N PHE B 427 9.53 31.04 -1.46
CA PHE B 427 8.33 31.08 -0.62
C PHE B 427 7.44 32.22 -1.08
N PRO B 428 6.85 32.11 -2.27
CA PRO B 428 5.90 33.15 -2.71
C PRO B 428 4.56 33.02 -2.00
N ASN B 429 4.60 33.05 -0.66
CA ASN B 429 3.49 32.62 0.18
C ASN B 429 3.40 33.55 1.40
N HIS B 430 2.39 33.29 2.24
CA HIS B 430 2.19 34.10 3.45
C HIS B 430 1.83 33.16 4.59
N TRP B 431 2.79 32.91 5.49
CA TRP B 431 2.58 32.02 6.62
C TRP B 431 1.82 32.78 7.71
N GLY B 432 1.87 32.29 8.95
CA GLY B 432 0.89 32.70 9.94
C GLY B 432 1.29 33.82 10.87
N ASN B 433 2.58 34.05 11.07
CA ASN B 433 3.01 35.01 12.07
C ASN B 433 4.20 35.81 11.56
N ASP B 434 4.28 37.08 11.95
CA ASP B 434 5.30 38.00 11.47
C ASP B 434 6.64 37.73 12.14
N GLY B 435 7.70 38.23 11.51
CA GLY B 435 9.01 38.22 12.13
C GLY B 435 10.18 38.32 11.19
N PRO B 436 11.40 38.25 11.74
CA PRO B 436 12.61 38.46 10.94
C PRO B 436 12.78 37.38 9.88
N GLY B 437 12.96 37.82 8.63
CA GLY B 437 13.12 36.93 7.48
C GLY B 437 11.87 36.19 7.09
N ILE B 438 10.73 36.45 7.75
CA ILE B 438 9.44 35.83 7.43
C ILE B 438 8.69 36.74 6.45
N GLY B 439 7.92 36.11 5.55
CA GLY B 439 7.24 36.79 4.47
C GLY B 439 7.60 36.20 3.11
N PRO B 440 7.01 36.71 2.03
CA PRO B 440 7.27 36.16 0.69
C PRO B 440 8.67 36.50 0.21
N THR B 441 9.50 35.45 0.04
CA THR B 441 10.92 35.59 -0.27
C THR B 441 11.37 34.51 -1.24
N CYS B 442 12.55 34.72 -1.79
CA CYS B 442 13.32 33.67 -2.41
C CYS B 442 14.78 33.90 -2.04
N THR B 443 15.51 32.79 -1.85
CA THR B 443 16.86 32.80 -1.31
C THR B 443 17.78 31.99 -2.19
N VAL B 444 19.00 32.48 -2.39
CA VAL B 444 20.06 31.66 -2.97
C VAL B 444 21.22 31.66 -1.98
N ARG B 445 21.81 30.49 -1.78
CA ARG B 445 23.05 30.35 -1.02
C ARG B 445 24.09 29.77 -1.96
N LYS B 446 25.23 30.46 -2.07
CA LYS B 446 26.36 30.02 -2.88
C LYS B 446 27.65 30.37 -2.15
N GLY B 447 28.43 29.35 -1.81
CA GLY B 447 29.64 29.59 -1.06
C GLY B 447 29.33 30.25 0.26
N ASP B 448 30.00 31.36 0.53
CA ASP B 448 29.82 32.04 1.79
C ASP B 448 28.61 32.97 1.79
N TRP B 449 28.03 33.24 0.63
CA TRP B 449 27.09 34.33 0.46
C TRP B 449 25.66 33.82 0.39
N LYS B 450 24.78 34.52 1.10
CA LYS B 450 23.35 34.24 1.05
C LYS B 450 22.65 35.52 0.61
N LEU B 451 21.88 35.42 -0.48
CA LEU B 451 21.03 36.51 -0.94
C LEU B 451 19.58 36.15 -0.63
N ILE B 452 18.91 37.03 0.10
CA ILE B 452 17.49 36.90 0.41
C ILE B 452 16.76 38.06 -0.23
N TYR B 453 15.86 37.75 -1.17
CA TYR B 453 15.07 38.75 -1.86
C TYR B 453 13.66 38.76 -1.31
N TYR B 454 13.10 39.94 -1.11
CA TYR B 454 11.80 40.13 -0.49
C TYR B 454 10.82 40.57 -1.56
N TYR B 455 9.91 39.67 -1.96
CA TYR B 455 8.99 39.95 -3.06
C TYR B 455 8.13 41.17 -2.79
N GLU B 456 7.74 41.39 -1.52
CA GLU B 456 6.75 42.41 -1.19
C GLU B 456 7.25 43.82 -1.50
N ASN B 457 8.49 44.13 -1.10
CA ASN B 457 9.02 45.50 -1.20
C ASN B 457 10.33 45.60 -1.98
N GLY B 458 10.83 44.51 -2.58
CA GLY B 458 12.06 44.58 -3.36
C GLY B 458 13.34 44.67 -2.55
N LYS B 459 13.25 44.53 -1.23
CA LYS B 459 14.43 44.64 -0.40
C LYS B 459 15.33 43.41 -0.58
N LYS B 460 16.65 43.62 -0.50
CA LYS B 460 17.61 42.54 -0.61
C LYS B 460 18.53 42.56 0.60
N GLU B 461 18.76 41.40 1.18
CA GLU B 461 19.71 41.22 2.27
C GLU B 461 20.79 40.24 1.82
N LEU B 462 22.04 40.59 2.10
CA LEU B 462 23.20 39.77 1.76
C LEU B 462 23.94 39.47 3.05
N PHE B 463 24.17 38.20 3.31
CA PHE B 463 24.88 37.78 4.51
C PHE B 463 26.02 36.86 4.13
N ASN B 464 27.13 37.02 4.83
CA ASN B 464 28.26 36.10 4.76
C ASN B 464 28.09 35.13 5.92
N ILE B 465 27.59 33.93 5.62
CA ILE B 465 27.15 33.04 6.70
C ILE B 465 28.29 32.56 7.59
N PRO B 466 29.48 32.18 7.08
CA PRO B 466 30.56 31.80 8.00
C PRO B 466 30.99 32.91 8.94
N GLN B 467 30.96 34.17 8.50
CA GLN B 467 31.30 35.32 9.34
C GLN B 467 30.15 35.83 10.18
N ASP B 468 28.92 35.51 9.82
CA ASP B 468 27.77 36.15 10.44
C ASP B 468 26.64 35.13 10.55
N ILE B 469 26.87 34.07 11.34
CA ILE B 469 25.92 32.97 11.41
C ILE B 469 24.53 33.43 11.87
N GLY B 470 24.47 34.50 12.67
CA GLY B 470 23.22 35.06 13.14
C GLY B 470 22.56 36.04 12.20
N GLU B 471 23.15 36.27 11.04
CA GLU B 471 22.55 37.12 10.02
C GLU B 471 22.22 38.48 10.61
N LYS B 472 23.22 39.07 11.26
CA LYS B 472 23.10 40.38 11.90
C LYS B 472 23.45 41.53 10.98
N ASN B 473 24.30 41.31 9.98
CA ASN B 473 24.95 42.39 9.26
C ASN B 473 24.69 42.28 7.77
N ASN B 474 23.81 43.15 7.26
CA ASN B 474 23.42 43.11 5.85
C ASN B 474 24.52 43.74 5.00
N LEU B 475 25.24 42.92 4.24
CA LEU B 475 26.36 43.38 3.45
C LEU B 475 25.95 43.87 2.07
N ALA B 476 24.65 44.00 1.81
CA ALA B 476 24.17 44.28 0.45
C ALA B 476 24.80 45.55 -0.13
N ALA B 477 24.79 46.64 0.64
CA ALA B 477 25.36 47.90 0.13
C ALA B 477 26.87 47.82 -0.07
N GLN B 478 27.58 47.01 0.73
CA GLN B 478 29.03 46.95 0.57
C GLN B 478 29.48 46.07 -0.60
N HIS B 479 28.58 45.31 -1.21
CA HIS B 479 28.95 44.33 -2.24
C HIS B 479 27.89 44.22 -3.33
N PRO B 480 27.57 45.32 -4.02
CA PRO B 480 26.57 45.22 -5.10
C PRO B 480 26.99 44.32 -6.25
N ASP B 481 28.28 44.04 -6.40
CA ASP B 481 28.72 43.05 -7.37
C ASP B 481 28.12 41.69 -7.04
N ILE B 482 28.27 41.26 -5.79
CA ILE B 482 27.73 39.98 -5.36
C ILE B 482 26.20 39.99 -5.44
N VAL B 483 25.59 41.13 -5.12
CA VAL B 483 24.13 41.22 -5.15
C VAL B 483 23.61 41.02 -6.57
N LYS B 484 24.19 41.74 -7.54
CA LYS B 484 23.77 41.59 -8.92
C LYS B 484 23.95 40.16 -9.40
N HIS B 485 25.14 39.58 -9.19
CA HIS B 485 25.40 38.24 -9.69
C HIS B 485 24.46 37.22 -9.06
N LEU B 486 24.33 37.25 -7.72
CA LEU B 486 23.46 36.30 -7.05
C LEU B 486 22.01 36.48 -7.47
N SER B 487 21.56 37.73 -7.70
CA SER B 487 20.18 37.96 -8.14
C SER B 487 19.92 37.34 -9.49
N LYS B 488 20.89 37.41 -10.41
CA LYS B 488 20.71 36.75 -11.70
C LYS B 488 20.67 35.24 -11.54
N ASP B 489 21.61 34.71 -10.77
CA ASP B 489 21.59 33.30 -10.43
C ASP B 489 20.19 32.88 -9.97
N LEU B 490 19.69 33.55 -8.93
CA LEU B 490 18.38 33.21 -8.37
C LEU B 490 17.27 33.39 -9.41
N GLY B 491 17.25 34.53 -10.09
CA GLY B 491 16.21 34.76 -11.07
C GLY B 491 16.21 33.73 -12.19
N ASN B 492 17.40 33.40 -12.73
CA ASN B 492 17.46 32.44 -13.82
C ASN B 492 16.93 31.08 -13.38
N TYR B 493 17.28 30.68 -12.16
CA TYR B 493 16.89 29.36 -11.67
C TYR B 493 15.38 29.26 -11.52
N LEU B 494 14.79 30.21 -10.79
CA LEU B 494 13.36 30.21 -10.57
C LEU B 494 12.61 30.09 -11.89
N ARG B 495 12.99 30.90 -12.87
CA ARG B 495 12.31 30.84 -14.15
C ARG B 495 12.58 29.51 -14.83
N LYS B 496 13.81 29.00 -14.70
CA LYS B 496 14.16 27.78 -15.42
C LYS B 496 13.29 26.61 -14.97
N VAL B 497 13.06 26.49 -13.66
CA VAL B 497 12.33 25.36 -13.12
C VAL B 497 10.84 25.67 -12.89
N GLY B 498 10.32 26.76 -13.46
CA GLY B 498 8.91 27.04 -13.32
C GLY B 498 8.48 27.62 -11.99
N GLY B 499 9.41 28.11 -11.17
CA GLY B 499 9.06 28.73 -9.91
C GLY B 499 8.08 29.88 -10.08
N GLN B 500 7.38 30.19 -9.01
CA GLN B 500 6.34 31.20 -9.06
C GLN B 500 6.68 32.35 -8.12
N ARG B 501 5.93 33.42 -8.28
CA ARG B 501 6.09 34.66 -7.55
C ARG B 501 4.71 35.20 -7.18
N PRO B 502 4.63 36.09 -6.20
CA PRO B 502 3.36 36.74 -5.87
C PRO B 502 3.07 37.88 -6.84
N SER B 503 1.91 38.50 -6.69
CA SER B 503 1.53 39.67 -7.48
C SER B 503 0.96 40.75 -6.56
N PHE B 504 0.96 41.99 -7.06
CA PHE B 504 0.49 43.12 -6.26
C PHE B 504 -1.02 43.36 -6.49
N LYS B 505 -1.76 43.46 -5.40
CA LYS B 505 -3.21 43.68 -5.49
C LYS B 505 -3.54 45.08 -6.01
N ALA B 506 -2.65 46.06 -5.78
CA ALA B 506 -2.99 47.42 -6.20
C ALA B 506 -2.93 47.57 -7.71
N THR B 507 -2.07 46.79 -8.37
CA THR B 507 -1.80 46.96 -9.78
C THR B 507 -2.12 45.74 -10.62
N GLY B 508 -2.25 44.55 -10.02
CA GLY B 508 -2.38 43.34 -10.77
C GLY B 508 -1.07 42.75 -11.27
N LYS B 509 0.04 43.50 -11.19
CA LYS B 509 1.27 43.06 -11.84
C LYS B 509 2.05 42.12 -10.92
N PRO B 510 2.82 41.19 -11.51
CA PRO B 510 3.69 40.32 -10.70
C PRO B 510 4.78 41.12 -9.98
N CYS B 511 5.12 40.65 -8.79
CA CYS B 511 6.30 41.16 -8.10
C CYS B 511 7.53 40.88 -8.96
N PRO B 512 8.39 41.86 -9.17
CA PRO B 512 9.60 41.63 -9.96
C PRO B 512 10.42 40.47 -9.41
N TRP B 513 11.04 39.71 -10.31
CA TRP B 513 12.02 38.74 -9.89
C TRP B 513 13.19 39.47 -9.23
N PRO B 514 14.05 38.75 -8.48
CA PRO B 514 15.24 39.40 -7.88
C PRO B 514 16.10 40.19 -8.87
N ASP B 515 16.22 39.73 -10.10
CA ASP B 515 17.06 40.37 -11.09
C ASP B 515 16.27 41.32 -12.00
N GLU B 516 15.14 41.83 -11.53
CA GLU B 516 14.37 42.83 -12.26
C GLU B 516 14.35 44.19 -11.55
N ILE B 517 15.06 44.34 -10.42
CA ILE B 517 15.15 45.63 -9.74
C ILE B 517 16.60 46.11 -9.61
#